data_6K68
#
_entry.id   6K68
#
_cell.length_a   75.951
_cell.length_b   95.017
_cell.length_c   179.561
_cell.angle_alpha   90.000
_cell.angle_beta   90.000
_cell.angle_gamma   90.000
#
_symmetry.space_group_name_H-M   'P 21 21 21'
#
loop_
_entity.id
_entity.type
_entity.pdbx_description
1 polymer '3MNZ Variable heavy chain'
2 polymer '3MNZ Variable light chain'
3 polymer 'Protein A'
#
loop_
_entity_poly.entity_id
_entity_poly.type
_entity_poly.pdbx_seq_one_letter_code
_entity_poly.pdbx_strand_id
1 'polypeptide(L)'
;DPQIQLVQSGPELKKPGETVKISCKASGYTFTDYSVHWVKQVPGKGLKWMGWINTETGEPTYADDFKGRFAFSLESSAST
AYLEIHNLTNEDTATYFCALGWLHWGLGTTLTVSS
;
A,C,F,J
2 'polypeptide(L)'
;DIQLTQSPSSLAMSGGQKVTMRCKSSQSLLNSRNERNYLAWYQQKPGQSPKLLVYFASIRESGVPDRFIGSGSGTDFTLT
ISSVQAEDLADYFCLQHYNTPWTFGGGTKLEIKSGR
;
B,D,G,K
3 'polypeptide(L)' MGSSHHHHHHSSGLVPRGSHMFNKDQQSAFYEILNMPNLNEAQRNGFIQSLKDDPSQSTNVLLEADKWASLQN E,H,I,L
#
# COMPACT_ATOMS: atom_id res chain seq x y z
N GLN A 3 10.40 10.41 -12.83
CA GLN A 3 9.62 11.60 -13.15
C GLN A 3 9.52 12.53 -11.95
N ILE A 4 9.88 13.79 -12.15
CA ILE A 4 9.77 14.80 -11.10
C ILE A 4 8.33 15.24 -11.01
N GLN A 5 7.75 15.15 -9.81
CA GLN A 5 6.33 15.43 -9.62
C GLN A 5 6.12 16.18 -8.32
N LEU A 6 5.30 17.23 -8.36
CA LEU A 6 4.91 18.00 -7.18
C LEU A 6 3.38 18.03 -7.11
N VAL A 7 2.83 17.68 -5.95
CA VAL A 7 1.39 17.63 -5.74
C VAL A 7 1.06 18.49 -4.52
N GLN A 8 0.10 19.40 -4.68
CA GLN A 8 -0.30 20.31 -3.62
C GLN A 8 -1.67 19.91 -3.06
N SER A 9 -2.01 20.52 -1.93
CA SER A 9 -3.29 20.25 -1.29
C SER A 9 -4.44 20.83 -2.13
N GLY A 10 -5.66 20.44 -1.76
CA GLY A 10 -6.82 20.83 -2.51
C GLY A 10 -7.17 22.30 -2.34
N PRO A 11 -8.26 22.71 -2.98
CA PRO A 11 -8.69 24.11 -2.87
C PRO A 11 -9.20 24.43 -1.48
N GLU A 12 -9.13 25.71 -1.14
CA GLU A 12 -9.45 26.18 0.20
C GLU A 12 -10.44 27.33 0.14
N LEU A 13 -11.45 27.28 1.00
CA LEU A 13 -12.43 28.36 1.17
C LEU A 13 -12.31 28.85 2.61
N LYS A 14 -11.87 30.09 2.79
CA LYS A 14 -11.60 30.64 4.11
C LYS A 14 -12.26 32.00 4.28
N LYS A 15 -12.69 32.28 5.51
CA LYS A 15 -13.22 33.58 5.89
C LYS A 15 -12.08 34.49 6.35
N PRO A 16 -12.20 35.80 6.15
CA PRO A 16 -11.09 36.70 6.47
C PRO A 16 -10.70 36.61 7.94
N GLY A 17 -9.39 36.68 8.18
CA GLY A 17 -8.84 36.59 9.51
C GLY A 17 -8.38 35.20 9.92
N GLU A 18 -8.76 34.17 9.17
CA GLU A 18 -8.40 32.81 9.51
C GLU A 18 -6.98 32.49 9.02
N THR A 19 -6.56 31.24 9.21
CA THR A 19 -5.25 30.76 8.79
C THR A 19 -5.42 29.54 7.90
N VAL A 20 -4.64 29.49 6.82
CA VAL A 20 -4.64 28.37 5.89
C VAL A 20 -3.22 27.83 5.77
N LYS A 21 -3.12 26.51 5.60
CA LYS A 21 -1.85 25.83 5.45
C LYS A 21 -1.89 24.98 4.19
N ILE A 22 -0.95 25.22 3.28
CA ILE A 22 -0.90 24.54 1.99
C ILE A 22 0.33 23.63 1.97
N SER A 23 0.12 22.36 1.63
CA SER A 23 1.18 21.37 1.57
C SER A 23 1.57 21.10 0.12
N CYS A 24 2.74 20.48 -0.05
CA CYS A 24 3.30 20.26 -1.38
C CYS A 24 4.21 19.03 -1.31
N LYS A 25 3.69 17.88 -1.73
CA LYS A 25 4.41 16.62 -1.66
C LYS A 25 5.22 16.41 -2.94
N ALA A 26 6.47 15.98 -2.77
CA ALA A 26 7.41 15.85 -3.88
C ALA A 26 7.85 14.40 -4.05
N SER A 27 8.30 14.07 -5.26
CA SER A 27 8.85 12.75 -5.55
C SER A 27 9.62 12.83 -6.87
N GLY A 28 10.58 11.93 -7.02
CA GLY A 28 11.33 11.80 -8.25
C GLY A 28 12.73 12.37 -8.23
N TYR A 29 13.17 12.95 -7.11
CA TYR A 29 14.48 13.58 -7.03
C TYR A 29 14.90 13.67 -5.57
N THR A 30 16.18 13.94 -5.35
CA THR A 30 16.69 14.15 -4.01
C THR A 30 16.11 15.46 -3.47
N PHE A 31 15.20 15.34 -2.50
CA PHE A 31 14.46 16.50 -2.01
C PHE A 31 15.37 17.50 -1.32
N THR A 32 16.38 17.01 -0.60
CA THR A 32 17.18 17.86 0.27
C THR A 32 18.28 18.64 -0.46
N ASP A 33 18.48 18.41 -1.76
CA ASP A 33 19.55 19.07 -2.49
C ASP A 33 19.09 20.30 -3.26
N TYR A 34 17.81 20.44 -3.55
CA TYR A 34 17.31 21.50 -4.41
C TYR A 34 16.17 22.23 -3.72
N SER A 35 16.22 23.57 -3.76
CA SER A 35 15.31 24.39 -3.00
C SER A 35 13.89 24.31 -3.55
N VAL A 36 12.93 24.66 -2.70
CA VAL A 36 11.52 24.74 -3.05
C VAL A 36 11.09 26.20 -2.97
N HIS A 37 10.54 26.73 -4.04
CA HIS A 37 10.10 28.11 -4.11
C HIS A 37 8.58 28.18 -4.13
N TRP A 38 8.04 29.30 -3.63
CA TRP A 38 6.61 29.54 -3.60
C TRP A 38 6.28 30.74 -4.49
N VAL A 39 5.24 30.59 -5.32
CA VAL A 39 4.83 31.63 -6.26
C VAL A 39 3.34 31.89 -6.08
N LYS A 40 2.95 33.16 -6.19
CA LYS A 40 1.56 33.59 -6.04
C LYS A 40 1.05 34.12 -7.37
N GLN A 41 -0.10 33.62 -7.82
CA GLN A 41 -0.71 34.04 -9.07
C GLN A 41 -2.10 34.57 -8.80
N VAL A 42 -2.26 35.89 -8.87
CA VAL A 42 -3.56 36.52 -8.69
C VAL A 42 -4.45 36.19 -9.87
N PRO A 43 -5.72 35.81 -9.66
CA PRO A 43 -6.65 35.51 -10.76
C PRO A 43 -6.81 36.68 -11.74
N GLY A 46 -0.81 38.87 -12.56
CA GLY A 46 0.38 38.21 -13.06
C GLY A 46 0.97 37.22 -12.07
N LEU A 47 2.30 37.13 -12.03
CA LEU A 47 3.01 36.24 -11.13
C LEU A 47 3.88 37.06 -10.20
N LYS A 48 3.86 36.71 -8.91
CA LYS A 48 4.71 37.37 -7.92
C LYS A 48 5.42 36.30 -7.11
N TRP A 49 6.76 36.37 -7.10
CA TRP A 49 7.57 35.40 -6.38
C TRP A 49 7.51 35.68 -4.89
N MET A 50 7.20 34.65 -4.10
CA MET A 50 7.02 34.80 -2.66
C MET A 50 8.30 34.55 -1.88
N GLY A 51 9.08 33.55 -2.26
CA GLY A 51 10.28 33.21 -1.55
C GLY A 51 10.63 31.75 -1.77
N TRP A 52 11.66 31.30 -1.05
CA TRP A 52 12.11 29.92 -1.13
C TRP A 52 12.46 29.43 0.27
N ILE A 53 12.68 28.13 0.38
CA ILE A 53 13.06 27.50 1.65
C ILE A 53 14.19 26.51 1.37
N ASN A 54 15.24 26.56 2.18
CA ASN A 54 16.35 25.63 2.04
C ASN A 54 15.90 24.24 2.47
N THR A 55 15.97 23.28 1.54
CA THR A 55 15.48 21.94 1.84
C THR A 55 16.40 21.20 2.80
N GLU A 56 17.70 21.52 2.79
CA GLU A 56 18.63 20.82 3.67
C GLU A 56 18.52 21.31 5.11
N THR A 57 18.53 22.62 5.31
CA THR A 57 18.53 23.19 6.65
C THR A 57 17.15 23.60 7.14
N GLY A 58 16.21 23.84 6.25
CA GLY A 58 14.90 24.32 6.63
C GLY A 58 14.79 25.83 6.76
N GLU A 59 15.85 26.56 6.47
CA GLU A 59 15.84 28.02 6.61
C GLU A 59 15.04 28.66 5.48
N PRO A 60 13.99 29.40 5.76
CA PRO A 60 13.25 30.09 4.71
C PRO A 60 13.73 31.51 4.48
N THR A 61 13.61 31.95 3.22
CA THR A 61 13.94 33.31 2.83
C THR A 61 12.75 33.90 2.08
N TYR A 62 12.18 34.96 2.64
CA TYR A 62 10.94 35.53 2.14
C TYR A 62 11.22 36.80 1.34
N ALA A 63 10.38 37.06 0.35
CA ALA A 63 10.45 38.31 -0.37
C ALA A 63 9.98 39.46 0.53
N ASP A 64 10.26 40.69 0.09
CA ASP A 64 9.93 41.86 0.89
C ASP A 64 8.42 41.96 1.13
N ASP A 65 7.62 41.59 0.13
CA ASP A 65 6.17 41.68 0.22
C ASP A 65 5.54 40.49 0.93
N PHE A 66 6.35 39.60 1.52
CA PHE A 66 5.84 38.40 2.16
C PHE A 66 6.60 38.11 3.45
N LYS A 67 6.96 39.16 4.19
CA LYS A 67 7.76 39.00 5.39
C LYS A 67 6.94 38.90 6.66
N GLY A 68 5.66 39.24 6.62
CA GLY A 68 4.87 39.29 7.84
C GLY A 68 4.09 38.03 8.16
N ARG A 69 3.05 37.75 7.37
CA ARG A 69 2.08 36.72 7.69
C ARG A 69 2.39 35.37 7.04
N PHE A 70 3.57 35.21 6.45
CA PHE A 70 3.90 34.01 5.68
C PHE A 70 5.02 33.25 6.37
N ALA A 71 4.94 31.92 6.31
CA ALA A 71 5.92 31.05 6.97
C ALA A 71 6.10 29.79 6.14
N PHE A 72 7.36 29.46 5.83
CA PHE A 72 7.70 28.25 5.11
C PHE A 72 8.25 27.21 6.09
N SER A 73 7.83 25.97 5.92
CA SER A 73 8.28 24.88 6.77
C SER A 73 8.35 23.59 5.96
N LEU A 74 8.99 22.58 6.53
CA LEU A 74 9.21 21.31 5.86
C LEU A 74 8.86 20.15 6.78
N GLU A 75 8.62 19.00 6.16
CA GLU A 75 8.57 17.70 6.84
C GLU A 75 9.44 16.77 5.97
N SER A 76 10.75 16.74 6.28
CA SER A 76 11.71 16.06 5.42
C SER A 76 11.42 14.57 5.31
N SER A 77 10.85 13.97 6.35
CA SER A 77 10.55 12.54 6.30
C SER A 77 9.51 12.19 5.24
N ALA A 78 8.71 13.18 4.81
CA ALA A 78 7.69 12.95 3.79
C ALA A 78 7.94 13.74 2.52
N SER A 79 9.06 14.46 2.43
CA SER A 79 9.39 15.26 1.25
C SER A 79 8.26 16.24 0.91
N THR A 80 7.82 16.97 1.92
CA THR A 80 6.68 17.87 1.79
C THR A 80 7.07 19.25 2.30
N ALA A 81 6.79 20.27 1.50
CA ALA A 81 6.97 21.66 1.90
C ALA A 81 5.62 22.27 2.25
N TYR A 82 5.63 23.23 3.17
CA TYR A 82 4.42 23.84 3.67
C TYR A 82 4.44 25.35 3.47
N LEU A 83 3.25 25.92 3.28
CA LEU A 83 3.06 27.37 3.16
C LEU A 83 1.91 27.76 4.07
N GLU A 84 2.20 28.59 5.08
CA GLU A 84 1.21 29.04 6.05
C GLU A 84 0.98 30.53 5.89
N ILE A 85 -0.28 30.93 5.73
CA ILE A 85 -0.66 32.33 5.62
C ILE A 85 -1.60 32.64 6.77
N HIS A 86 -1.24 33.63 7.58
CA HIS A 86 -2.01 34.03 8.75
C HIS A 86 -2.73 35.35 8.47
N ASN A 87 -3.86 35.55 9.16
CA ASN A 87 -4.68 36.74 9.03
C ASN A 87 -5.01 37.00 7.55
N LEU A 88 -5.77 36.07 6.99
CA LEU A 88 -6.08 36.10 5.56
C LEU A 88 -6.92 37.33 5.23
N THR A 89 -6.60 37.96 4.11
CA THR A 89 -7.33 39.11 3.58
C THR A 89 -7.80 38.81 2.17
N ASN A 90 -8.46 39.79 1.56
CA ASN A 90 -9.02 39.58 0.22
C ASN A 90 -7.94 39.51 -0.85
N GLU A 91 -6.81 40.20 -0.65
CA GLU A 91 -5.74 40.16 -1.64
C GLU A 91 -5.02 38.82 -1.65
N ASP A 92 -5.09 38.06 -0.57
CA ASP A 92 -4.49 36.72 -0.53
C ASP A 92 -5.19 35.72 -1.41
N THR A 93 -6.41 36.03 -1.89
CA THR A 93 -7.12 35.14 -2.80
C THR A 93 -6.36 35.01 -4.10
N ALA A 94 -5.73 33.86 -4.32
CA ALA A 94 -4.92 33.61 -5.51
C ALA A 94 -4.60 32.14 -5.58
N THR A 95 -3.91 31.74 -6.64
CA THR A 95 -3.40 30.39 -6.79
C THR A 95 -1.93 30.37 -6.38
N TYR A 96 -1.58 29.46 -5.48
CA TYR A 96 -0.24 29.39 -4.92
C TYR A 96 0.47 28.15 -5.46
N PHE A 97 1.68 28.35 -5.98
CA PHE A 97 2.46 27.28 -6.60
C PHE A 97 3.72 27.01 -5.79
N CYS A 98 4.02 25.74 -5.55
CA CYS A 98 5.33 25.31 -5.10
C CYS A 98 6.11 24.83 -6.31
N ALA A 99 7.37 25.27 -6.42
CA ALA A 99 8.16 24.99 -7.62
C ALA A 99 9.54 24.48 -7.23
N LEU A 100 9.97 23.40 -7.86
CA LEU A 100 11.33 22.91 -7.72
C LEU A 100 12.25 23.86 -8.48
N GLY A 101 12.54 25.00 -7.85
CA GLY A 101 13.30 26.03 -8.52
C GLY A 101 12.59 26.53 -9.75
N TRP A 102 13.33 26.67 -10.84
CA TRP A 102 12.77 27.05 -12.13
C TRP A 102 12.38 25.86 -12.98
N LEU A 103 12.67 24.65 -12.52
CA LEU A 103 12.53 23.46 -13.36
C LEU A 103 11.07 23.00 -13.45
N HIS A 104 10.49 22.58 -12.33
CA HIS A 104 9.18 21.97 -12.31
C HIS A 104 8.26 22.73 -11.36
N TRP A 105 7.06 23.03 -11.81
CA TRP A 105 6.06 23.74 -11.02
C TRP A 105 5.04 22.75 -10.44
N GLY A 106 4.54 23.09 -9.26
CA GLY A 106 3.47 22.31 -8.67
C GLY A 106 2.14 22.56 -9.37
N LEU A 107 1.18 21.68 -9.08
CA LEU A 107 -0.11 21.77 -9.77
C LEU A 107 -0.87 23.03 -9.37
N GLY A 108 -0.64 23.53 -8.16
CA GLY A 108 -1.27 24.76 -7.75
C GLY A 108 -2.39 24.52 -6.75
N THR A 109 -2.67 25.54 -5.94
CA THR A 109 -3.72 25.49 -4.93
C THR A 109 -4.48 26.82 -4.96
N THR A 110 -5.78 26.75 -5.23
CA THR A 110 -6.60 27.95 -5.31
C THR A 110 -7.17 28.27 -3.93
N LEU A 111 -6.86 29.46 -3.43
CA LEU A 111 -7.37 29.93 -2.14
C LEU A 111 -8.34 31.07 -2.39
N THR A 112 -9.52 31.00 -1.77
CA THR A 112 -10.55 32.01 -1.91
C THR A 112 -10.96 32.51 -0.54
N VAL A 113 -10.78 33.81 -0.32
CA VAL A 113 -11.11 34.45 0.95
C VAL A 113 -12.36 35.29 0.75
N SER A 114 -13.40 34.98 1.52
CA SER A 114 -14.66 35.70 1.43
C SER A 114 -15.42 35.66 2.75
N ASP B 1 16.93 45.21 -7.18
CA ASP B 1 16.12 44.18 -7.81
C ASP B 1 16.26 44.21 -9.32
N ILE B 2 16.10 43.04 -9.95
CA ILE B 2 16.13 42.94 -11.41
C ILE B 2 14.70 42.99 -11.92
N GLN B 3 14.43 43.90 -12.85
CA GLN B 3 13.11 44.08 -13.41
C GLN B 3 13.01 43.41 -14.79
N LEU B 4 11.87 42.79 -15.06
CA LEU B 4 11.61 42.12 -16.33
C LEU B 4 10.48 42.85 -17.05
N THR B 5 10.79 43.36 -18.24
CA THR B 5 9.81 44.01 -19.10
C THR B 5 9.60 43.13 -20.33
N GLN B 6 8.44 42.50 -20.42
CA GLN B 6 8.14 41.61 -21.53
C GLN B 6 7.71 42.45 -22.74
N SER B 7 7.20 41.79 -23.77
CA SER B 7 6.82 42.43 -25.02
C SER B 7 5.31 42.72 -24.92
N PRO B 8 4.41 42.47 -25.89
CA PRO B 8 3.01 42.80 -25.64
C PRO B 8 2.33 41.78 -24.72
N SER B 9 1.16 42.18 -24.24
CA SER B 9 0.35 41.33 -23.37
C SER B 9 -0.63 40.46 -24.15
N SER B 10 -0.86 40.74 -25.43
CA SER B 10 -1.77 39.96 -26.24
C SER B 10 -1.23 39.89 -27.67
N LEU B 11 -1.62 38.83 -28.37
CA LEU B 11 -1.18 38.61 -29.74
C LEU B 11 -2.25 37.85 -30.50
N ALA B 12 -2.62 38.36 -31.67
CA ALA B 12 -3.58 37.69 -32.55
C ALA B 12 -2.81 36.82 -33.55
N MET B 13 -3.23 35.57 -33.68
CA MET B 13 -2.52 34.60 -34.49
C MET B 13 -3.39 34.15 -35.66
N SER B 14 -2.74 33.90 -36.79
CA SER B 14 -3.35 33.20 -37.92
C SER B 14 -2.59 31.90 -38.11
N GLY B 15 -3.29 30.78 -37.94
CA GLY B 15 -2.70 29.45 -37.90
C GLY B 15 -1.58 29.18 -38.88
N GLY B 16 -0.37 28.97 -38.36
CA GLY B 16 0.80 28.66 -39.15
C GLY B 16 1.86 29.75 -39.15
N GLN B 17 1.46 30.99 -38.94
CA GLN B 17 2.41 32.10 -39.03
C GLN B 17 3.32 32.14 -37.80
N LYS B 18 4.40 32.89 -37.92
CA LYS B 18 5.41 32.98 -36.87
C LYS B 18 5.03 34.08 -35.88
N VAL B 19 5.33 33.83 -34.60
CA VAL B 19 5.07 34.77 -33.52
C VAL B 19 6.33 34.90 -32.68
N THR B 20 6.71 36.14 -32.36
CA THR B 20 7.90 36.43 -31.57
C THR B 20 7.50 37.24 -30.34
N MET B 21 7.99 36.85 -29.18
CA MET B 21 7.78 37.60 -27.94
C MET B 21 9.14 37.86 -27.29
N ARG B 22 9.25 39.00 -26.63
CA ARG B 22 10.53 39.55 -26.19
C ARG B 22 10.52 39.80 -24.69
N CYS B 23 11.68 39.62 -24.06
CA CYS B 23 11.82 39.79 -22.62
C CYS B 23 13.12 40.53 -22.35
N LYS B 24 13.03 41.75 -21.84
CA LYS B 24 14.18 42.58 -21.55
C LYS B 24 14.33 42.75 -20.04
N SER B 25 15.53 42.49 -19.53
CA SER B 25 15.83 42.64 -18.12
C SER B 25 16.62 43.91 -17.88
N SER B 26 16.46 44.49 -16.68
CA SER B 26 17.19 45.71 -16.35
C SER B 26 18.68 45.46 -16.22
N GLN B 27 19.06 44.26 -15.81
CA GLN B 27 20.47 43.91 -15.63
C GLN B 27 20.74 42.55 -16.26
N SER B 28 22.00 42.30 -16.55
CA SER B 28 22.38 41.07 -17.25
C SER B 28 22.07 39.85 -16.40
N LEU B 29 21.58 38.80 -17.07
CA LEU B 29 21.29 37.52 -16.42
C LEU B 29 22.37 36.48 -16.69
N LEU B 30 23.50 36.88 -17.26
CA LEU B 30 24.56 35.96 -17.64
C LEU B 30 25.47 35.71 -16.45
N ASN B 31 25.55 34.46 -16.00
CA ASN B 31 26.40 34.09 -14.88
C ASN B 31 27.81 33.81 -15.38
N SER B 32 28.80 34.45 -14.75
CA SER B 32 30.18 34.30 -15.20
C SER B 32 30.75 32.92 -14.84
N ARG B 33 30.12 32.19 -13.93
CA ARG B 33 30.62 30.88 -13.55
C ARG B 33 30.42 29.86 -14.67
N ASN B 34 29.17 29.70 -15.12
CA ASN B 34 28.84 28.68 -16.10
C ASN B 34 28.46 29.26 -17.47
N GLU B 35 28.53 30.57 -17.63
CA GLU B 35 28.22 31.23 -18.91
C GLU B 35 26.80 30.95 -19.37
N ARG B 36 25.88 30.77 -18.43
CA ARG B 36 24.47 30.55 -18.72
C ARG B 36 23.68 31.82 -18.38
N ASN B 37 22.66 32.09 -19.18
CA ASN B 37 21.73 33.19 -18.91
C ASN B 37 20.56 32.64 -18.11
N TYR B 38 20.44 33.07 -16.85
CA TYR B 38 19.46 32.50 -15.92
C TYR B 38 18.07 33.07 -16.22
N LEU B 39 17.51 32.63 -17.34
CA LEU B 39 16.15 33.00 -17.74
C LEU B 39 15.46 31.78 -18.33
N ALA B 40 14.18 31.62 -17.99
CA ALA B 40 13.39 30.49 -18.47
C ALA B 40 12.06 30.99 -19.01
N TRP B 41 11.54 30.27 -20.01
CA TRP B 41 10.26 30.57 -20.63
C TRP B 41 9.24 29.50 -20.24
N TYR B 42 8.02 29.93 -19.94
CA TYR B 42 6.97 29.03 -19.49
C TYR B 42 5.69 29.26 -20.28
N GLN B 43 4.96 28.17 -20.52
CA GLN B 43 3.64 28.20 -21.10
C GLN B 43 2.62 27.78 -20.04
N GLN B 44 1.53 28.53 -19.93
CA GLN B 44 0.50 28.22 -18.95
C GLN B 44 -0.87 28.33 -19.61
N LYS B 45 -1.60 27.21 -19.62
CA LYS B 45 -2.97 27.16 -20.13
C LYS B 45 -3.96 27.41 -19.00
N PRO B 46 -5.18 27.83 -19.31
CA PRO B 46 -6.14 28.14 -18.25
C PRO B 46 -6.40 26.96 -17.33
N GLY B 47 -6.34 27.22 -16.02
CA GLY B 47 -6.56 26.20 -15.02
C GLY B 47 -5.47 25.16 -14.91
N GLN B 48 -4.28 25.41 -15.46
CA GLN B 48 -3.18 24.46 -15.42
C GLN B 48 -1.93 25.14 -14.92
N SER B 49 -0.97 24.33 -14.50
CA SER B 49 0.29 24.84 -13.98
C SER B 49 1.23 25.21 -15.13
N PRO B 50 2.12 26.18 -14.92
CA PRO B 50 3.07 26.55 -15.97
C PRO B 50 3.98 25.38 -16.34
N LYS B 51 4.26 25.25 -17.63
CA LYS B 51 5.13 24.20 -18.16
C LYS B 51 6.41 24.83 -18.69
N LEU B 52 7.54 24.21 -18.37
CA LEU B 52 8.83 24.73 -18.82
C LEU B 52 9.01 24.46 -20.30
N LEU B 53 9.20 25.51 -21.08
CA LEU B 53 9.48 25.40 -22.52
C LEU B 53 10.97 25.50 -22.80
N VAL B 54 11.61 26.58 -22.35
CA VAL B 54 13.02 26.82 -22.58
C VAL B 54 13.66 27.21 -21.26
N TYR B 55 14.83 26.66 -20.97
CA TYR B 55 15.61 27.04 -19.81
C TYR B 55 17.01 27.44 -20.25
N PHE B 56 17.69 28.20 -19.41
CA PHE B 56 18.99 28.78 -19.73
C PHE B 56 18.93 29.55 -21.05
N ALA B 57 17.92 30.41 -21.15
CA ALA B 57 17.74 31.35 -22.26
C ALA B 57 17.40 30.67 -23.58
N SER B 58 18.19 29.68 -24.00
CA SER B 58 18.10 29.17 -25.36
C SER B 58 18.10 27.65 -25.46
N ILE B 59 17.97 26.93 -24.34
CA ILE B 59 18.05 25.48 -24.33
C ILE B 59 16.65 24.92 -24.16
N ARG B 60 16.18 24.21 -25.17
CA ARG B 60 14.82 23.69 -25.17
C ARG B 60 14.69 22.52 -24.21
N GLU B 61 13.61 22.52 -23.44
CA GLU B 61 13.36 21.46 -22.47
C GLU B 61 12.87 20.21 -23.17
N SER B 62 13.22 19.05 -22.60
CA SER B 62 12.82 17.77 -23.15
C SER B 62 11.31 17.66 -23.27
N GLY B 63 10.84 17.17 -24.41
CA GLY B 63 9.43 17.04 -24.67
C GLY B 63 8.81 18.22 -25.37
N VAL B 64 9.48 19.37 -25.40
CA VAL B 64 8.89 20.56 -26.03
C VAL B 64 9.12 20.47 -27.53
N PRO B 65 8.11 20.77 -28.36
CA PRO B 65 8.32 20.77 -29.81
C PRO B 65 9.40 21.76 -30.21
N ASP B 66 10.12 21.42 -31.29
CA ASP B 66 11.23 22.25 -31.73
C ASP B 66 10.79 23.56 -32.36
N ARG B 67 9.48 23.83 -32.46
CA ARG B 67 9.04 25.12 -32.96
C ARG B 67 9.14 26.22 -31.92
N PHE B 68 9.26 25.86 -30.64
CA PHE B 68 9.52 26.83 -29.58
C PHE B 68 11.02 27.05 -29.50
N ILE B 69 11.48 28.26 -29.84
CA ILE B 69 12.89 28.57 -29.93
C ILE B 69 13.17 29.82 -29.10
N GLY B 70 13.97 29.66 -28.05
CA GLY B 70 14.41 30.77 -27.24
C GLY B 70 15.82 31.20 -27.63
N SER B 71 16.08 32.50 -27.55
CA SER B 71 17.38 33.03 -27.92
C SER B 71 17.62 34.32 -27.16
N GLY B 72 18.83 34.85 -27.30
CA GLY B 72 19.23 36.08 -26.66
C GLY B 72 20.23 35.83 -25.54
N SER B 73 20.85 36.93 -25.13
CA SER B 73 21.85 36.87 -24.07
C SER B 73 21.96 38.24 -23.42
N GLY B 74 22.43 38.25 -22.17
CA GLY B 74 22.60 39.49 -21.44
C GLY B 74 21.30 40.05 -20.91
N THR B 75 20.72 41.00 -21.64
CA THR B 75 19.47 41.63 -21.23
C THR B 75 18.33 41.44 -22.23
N ASP B 76 18.61 41.14 -23.48
CA ASP B 76 17.58 40.97 -24.50
C ASP B 76 17.39 39.48 -24.78
N PHE B 77 16.17 38.99 -24.56
CA PHE B 77 15.82 37.60 -24.79
C PHE B 77 14.51 37.52 -25.54
N THR B 78 14.37 36.49 -26.37
CA THR B 78 13.17 36.30 -27.19
C THR B 78 12.79 34.83 -27.21
N LEU B 79 11.49 34.58 -27.24
CA LEU B 79 10.94 33.24 -27.47
C LEU B 79 10.18 33.25 -28.79
N THR B 80 10.53 32.35 -29.69
CA THR B 80 9.99 32.32 -31.04
C THR B 80 9.22 31.03 -31.29
N ILE B 81 8.03 31.17 -31.89
CA ILE B 81 7.23 30.05 -32.33
C ILE B 81 7.21 30.08 -33.85
N SER B 82 7.94 29.14 -34.48
CA SER B 82 8.13 29.19 -35.92
C SER B 82 6.80 29.07 -36.67
N SER B 83 5.97 28.11 -36.28
CA SER B 83 4.66 27.93 -36.90
C SER B 83 3.64 27.69 -35.79
N VAL B 84 2.92 28.76 -35.41
CA VAL B 84 1.98 28.68 -34.30
C VAL B 84 0.84 27.75 -34.68
N GLN B 85 0.53 26.80 -33.79
CA GLN B 85 -0.52 25.82 -34.00
C GLN B 85 -1.70 26.13 -33.08
N ALA B 86 -2.76 25.34 -33.24
CA ALA B 86 -3.98 25.58 -32.47
C ALA B 86 -3.80 25.22 -31.01
N GLU B 87 -2.95 24.23 -30.70
CA GLU B 87 -2.73 23.82 -29.33
C GLU B 87 -1.78 24.73 -28.57
N ASP B 88 -1.30 25.81 -29.19
CA ASP B 88 -0.40 26.75 -28.55
C ASP B 88 -1.12 27.96 -27.98
N LEU B 89 -2.45 27.94 -27.97
CA LEU B 89 -3.25 29.05 -27.44
C LEU B 89 -3.16 29.02 -25.91
N ALA B 90 -2.27 29.83 -25.35
CA ALA B 90 -2.06 29.87 -23.91
C ALA B 90 -1.28 31.14 -23.56
N ASP B 91 -1.02 31.31 -22.27
CA ASP B 91 -0.23 32.43 -21.77
C ASP B 91 1.25 32.04 -21.73
N TYR B 92 2.11 33.00 -22.04
CA TYR B 92 3.55 32.79 -22.01
C TYR B 92 4.20 33.92 -21.23
N PHE B 93 5.19 33.57 -20.41
CA PHE B 93 5.93 34.56 -19.64
C PHE B 93 7.34 34.08 -19.39
N CYS B 94 8.26 35.03 -19.24
CA CYS B 94 9.65 34.76 -18.92
C CYS B 94 9.89 34.88 -17.42
N LEU B 95 10.97 34.26 -16.96
CA LEU B 95 11.32 34.29 -15.55
C LEU B 95 12.83 34.36 -15.42
N GLN B 96 13.32 35.34 -14.66
CA GLN B 96 14.74 35.46 -14.35
C GLN B 96 15.00 34.88 -12.96
N HIS B 97 16.07 34.10 -12.84
CA HIS B 97 16.46 33.48 -11.59
C HIS B 97 17.94 33.73 -11.31
N TYR B 98 18.42 34.92 -11.66
CA TYR B 98 19.82 35.26 -11.45
C TYR B 98 20.06 35.71 -10.01
N ASN B 99 19.21 36.60 -9.51
CA ASN B 99 19.33 37.12 -8.15
C ASN B 99 18.24 36.53 -7.27
N THR B 100 18.33 36.84 -5.97
CA THR B 100 17.35 36.31 -5.02
C THR B 100 15.93 36.80 -5.31
N PRO B 101 15.67 38.12 -5.50
CA PRO B 101 14.29 38.52 -5.79
C PRO B 101 13.88 38.15 -7.22
N TRP B 102 13.37 36.93 -7.40
CA TRP B 102 12.92 36.50 -8.71
C TRP B 102 11.76 37.38 -9.18
N THR B 103 11.79 37.72 -10.46
CA THR B 103 10.75 38.54 -11.08
C THR B 103 10.25 37.86 -12.34
N PHE B 104 8.99 38.10 -12.66
CA PHE B 104 8.33 37.50 -13.81
C PHE B 104 7.95 38.56 -14.83
N GLY B 105 7.90 38.15 -16.10
CA GLY B 105 7.40 39.01 -17.14
C GLY B 105 5.90 39.24 -16.99
N GLY B 106 5.42 40.25 -17.72
CA GLY B 106 4.01 40.61 -17.63
C GLY B 106 3.06 39.54 -18.13
N GLY B 107 3.53 38.65 -18.98
CA GLY B 107 2.68 37.63 -19.56
C GLY B 107 2.27 37.98 -20.98
N THR B 108 2.10 36.94 -21.80
CA THR B 108 1.75 37.10 -23.21
C THR B 108 0.60 36.15 -23.54
N LYS B 109 -0.55 36.72 -23.88
CA LYS B 109 -1.73 35.93 -24.19
C LYS B 109 -1.82 35.69 -25.70
N LEU B 110 -1.80 34.43 -26.11
CA LEU B 110 -1.89 34.05 -27.51
C LEU B 110 -3.32 33.65 -27.83
N GLU B 111 -3.96 34.40 -28.72
CA GLU B 111 -5.35 34.13 -29.11
C GLU B 111 -5.50 34.41 -30.60
N ILE B 112 -6.64 34.00 -31.15
CA ILE B 112 -6.91 34.17 -32.57
C ILE B 112 -7.42 35.58 -32.86
N GLN C 3 20.84 8.50 -13.54
CA GLN C 3 20.05 9.34 -12.65
C GLN C 3 20.13 8.86 -11.21
N ILE C 4 19.80 7.59 -11.00
CA ILE C 4 19.81 6.97 -9.68
C ILE C 4 21.22 6.43 -9.42
N GLN C 5 21.88 6.93 -8.38
CA GLN C 5 23.24 6.49 -8.10
C GLN C 5 23.54 6.58 -6.62
N LEU C 6 24.25 5.58 -6.11
CA LEU C 6 24.74 5.53 -4.74
C LEU C 6 26.26 5.46 -4.78
N VAL C 7 26.92 6.31 -3.98
CA VAL C 7 28.37 6.36 -3.93
C VAL C 7 28.81 6.22 -2.47
N GLN C 8 29.73 5.29 -2.23
CA GLN C 8 30.19 4.98 -0.88
C GLN C 8 31.56 5.62 -0.63
N SER C 9 31.97 5.58 0.65
CA SER C 9 33.24 6.15 1.05
C SER C 9 34.39 5.27 0.57
N GLY C 10 35.61 5.79 0.73
CA GLY C 10 36.80 5.13 0.24
C GLY C 10 37.11 3.87 1.03
N PRO C 11 38.18 3.18 0.61
CA PRO C 11 38.55 1.92 1.29
C PRO C 11 39.09 2.19 2.68
N GLU C 12 38.91 1.19 3.56
CA GLU C 12 39.30 1.30 4.95
C GLU C 12 40.21 0.16 5.34
N LEU C 13 41.28 0.48 6.07
CA LEU C 13 42.22 -0.49 6.61
C LEU C 13 42.19 -0.35 8.12
N LYS C 14 41.72 -1.39 8.81
CA LYS C 14 41.52 -1.35 10.25
C LYS C 14 42.15 -2.56 10.91
N LYS C 15 42.60 -2.37 12.18
CA LYS C 15 43.12 -3.42 13.04
C LYS C 15 41.99 -4.03 13.86
N PRO C 16 42.13 -5.31 14.26
CA PRO C 16 41.04 -5.96 15.00
C PRO C 16 40.73 -5.25 16.29
N GLY C 17 39.44 -5.17 16.61
CA GLY C 17 38.96 -4.50 17.80
C GLY C 17 38.54 -3.06 17.60
N GLU C 18 38.88 -2.46 16.45
CA GLU C 18 38.56 -1.06 16.21
C GLU C 18 37.13 -0.93 15.68
N THR C 19 36.75 0.30 15.34
CA THR C 19 35.43 0.60 14.82
C THR C 19 35.58 1.34 13.49
N VAL C 20 34.76 0.96 12.50
CA VAL C 20 34.77 1.57 11.19
C VAL C 20 33.35 2.02 10.84
N LYS C 21 33.25 3.12 10.10
CA LYS C 21 31.96 3.67 9.68
C LYS C 21 32.00 3.90 8.18
N ILE C 22 31.07 3.26 7.46
CA ILE C 22 31.00 3.34 6.01
C ILE C 22 29.78 4.19 5.63
N SER C 23 30.01 5.20 4.80
CA SER C 23 28.96 6.10 4.35
C SER C 23 28.49 5.72 2.95
N CYS C 24 27.32 6.25 2.58
CA CYS C 24 26.70 5.90 1.29
C CYS C 24 25.77 7.04 0.89
N LYS C 25 26.24 7.89 -0.02
CA LYS C 25 25.49 9.06 -0.46
C LYS C 25 24.62 8.72 -1.66
N ALA C 26 23.39 9.22 -1.64
CA ALA C 26 22.40 8.90 -2.67
C ALA C 26 22.01 10.16 -3.43
N SER C 27 21.46 9.95 -4.62
CA SER C 27 20.93 11.03 -5.45
C SER C 27 20.09 10.43 -6.56
N GLY C 28 19.17 11.24 -7.07
CA GLY C 28 18.35 10.84 -8.20
C GLY C 28 17.00 10.25 -7.86
N TYR C 29 16.60 10.23 -6.58
CA TYR C 29 15.33 9.67 -6.18
C TYR C 29 14.96 10.20 -4.80
N THR C 30 13.69 10.01 -4.44
CA THR C 30 13.20 10.39 -3.11
C THR C 30 13.83 9.47 -2.08
N PHE C 31 14.81 9.99 -1.34
CA PHE C 31 15.58 9.15 -0.42
C PHE C 31 14.71 8.57 0.69
N THR C 32 13.69 9.30 1.13
CA THR C 32 12.91 8.91 2.30
C THR C 32 11.79 7.93 1.99
N ASP C 33 11.59 7.56 0.72
CA ASP C 33 10.49 6.68 0.35
C ASP C 33 10.92 5.24 0.11
N TYR C 34 12.20 4.98 -0.12
CA TYR C 34 12.65 3.65 -0.52
C TYR C 34 13.81 3.21 0.37
N SER C 35 13.76 1.96 0.81
CA SER C 35 14.69 1.46 1.81
C SER C 35 16.09 1.30 1.22
N VAL C 36 17.07 1.26 2.12
CA VAL C 36 18.48 1.04 1.77
C VAL C 36 18.93 -0.26 2.42
N HIS C 37 19.47 -1.16 1.62
CA HIS C 37 19.94 -2.46 2.10
C HIS C 37 21.46 -2.53 2.02
N TRP C 38 22.04 -3.37 2.88
CA TRP C 38 23.49 -3.54 2.96
C TRP C 38 23.85 -4.98 2.65
N VAL C 39 24.89 -5.16 1.84
CA VAL C 39 25.35 -6.47 1.39
C VAL C 39 26.86 -6.57 1.63
N LYS C 40 27.30 -7.75 2.07
CA LYS C 40 28.70 -8.02 2.36
C LYS C 40 29.20 -9.13 1.45
N GLN C 41 30.30 -8.87 0.74
CA GLN C 41 30.85 -9.81 -0.24
C GLN C 41 32.23 -10.27 0.20
N VAL C 42 32.34 -11.55 0.55
CA VAL C 42 33.59 -12.16 1.02
C VAL C 42 34.31 -12.75 -0.19
N PRO C 43 35.66 -12.87 -0.18
CA PRO C 43 36.35 -13.50 -1.31
C PRO C 43 35.89 -14.93 -1.59
N GLY C 46 30.40 -15.41 -1.19
CA GLY C 46 30.04 -14.17 -0.55
C GLY C 46 28.59 -13.77 -0.73
N LEU C 47 28.34 -12.47 -0.89
CA LEU C 47 27.00 -11.91 -1.09
C LEU C 47 26.07 -12.31 0.06
N LYS C 48 26.38 -11.79 1.23
CA LYS C 48 25.62 -12.04 2.44
C LYS C 48 24.75 -10.83 2.73
N TRP C 49 23.43 -11.04 2.81
CA TRP C 49 22.50 -9.96 3.07
C TRP C 49 22.56 -9.60 4.55
N MET C 50 22.86 -8.34 4.86
CA MET C 50 23.04 -7.89 6.23
C MET C 50 21.75 -7.36 6.85
N GLY C 51 20.89 -6.73 6.07
CA GLY C 51 19.67 -6.15 6.59
C GLY C 51 19.29 -4.92 5.79
N TRP C 52 18.33 -4.17 6.32
CA TRP C 52 17.88 -2.93 5.70
C TRP C 52 17.59 -1.89 6.78
N ILE C 53 17.34 -0.67 6.34
CA ILE C 53 17.02 0.43 7.24
C ILE C 53 15.87 1.23 6.64
N ASN C 54 14.89 1.57 7.48
CA ASN C 54 13.77 2.38 7.02
C ASN C 54 14.24 3.82 6.83
N THR C 55 14.05 4.36 5.63
CA THR C 55 14.53 5.71 5.36
C THR C 55 13.60 6.77 5.93
N GLU C 56 12.32 6.44 6.12
CA GLU C 56 11.39 7.42 6.67
C GLU C 56 11.48 7.48 8.19
N THR C 57 11.51 6.32 8.86
CA THR C 57 11.46 6.26 10.31
C THR C 57 12.82 5.97 10.95
N GLY C 58 13.81 5.57 10.17
CA GLY C 58 15.12 5.28 10.72
C GLY C 58 15.25 3.93 11.40
N GLU C 59 14.21 3.11 11.40
CA GLU C 59 14.26 1.82 12.08
C GLU C 59 15.13 0.83 11.32
N PRO C 60 16.21 0.31 11.92
CA PRO C 60 16.99 -0.71 11.24
C PRO C 60 16.54 -2.12 11.59
N THR C 61 16.61 -3.01 10.61
CA THR C 61 16.32 -4.42 10.80
C THR C 61 17.53 -5.22 10.32
N TYR C 62 18.11 -5.99 11.22
CA TYR C 62 19.36 -6.70 10.96
C TYR C 62 19.08 -8.18 10.72
N ALA C 63 19.93 -8.79 9.90
CA ALA C 63 19.86 -10.23 9.70
C ALA C 63 20.32 -10.96 10.97
N ASP C 64 20.03 -12.26 11.03
CA ASP C 64 20.40 -13.05 12.20
C ASP C 64 21.91 -13.07 12.42
N ASP C 65 22.69 -13.06 11.34
CA ASP C 65 24.14 -13.14 11.44
C ASP C 65 24.79 -11.77 11.59
N PHE C 66 24.01 -10.71 11.79
CA PHE C 66 24.54 -9.35 11.89
C PHE C 66 23.76 -8.55 12.92
N LYS C 67 23.39 -9.20 14.02
CA LYS C 67 22.58 -8.55 15.05
C LYS C 67 23.41 -7.89 16.15
N GLY C 68 24.66 -8.28 16.31
CA GLY C 68 25.43 -7.84 17.46
C GLY C 68 26.19 -6.54 17.27
N ARG C 69 27.25 -6.57 16.46
CA ARG C 69 28.20 -5.48 16.36
C ARG C 69 27.92 -4.53 15.20
N PHE C 70 26.78 -4.66 14.55
CA PHE C 70 26.46 -3.87 13.36
C PHE C 70 25.32 -2.91 13.65
N ALA C 71 25.38 -1.74 13.02
CA ALA C 71 24.40 -0.69 13.27
C ALA C 71 24.20 0.14 12.00
N PHE C 72 22.93 0.32 11.63
CA PHE C 72 22.57 1.17 10.50
C PHE C 72 22.06 2.51 11.02
N SER C 73 22.47 3.59 10.35
CA SER C 73 22.08 4.93 10.74
C SER C 73 21.94 5.79 9.49
N LEU C 74 21.36 6.98 9.67
CA LEU C 74 21.05 7.86 8.55
C LEU C 74 21.44 9.30 8.87
N GLU C 75 21.63 10.08 7.81
CA GLU C 75 21.68 11.54 7.86
C GLU C 75 20.79 12.02 6.71
N SER C 76 19.47 11.96 6.94
CA SER C 76 18.50 12.19 5.86
C SER C 76 18.60 13.59 5.26
N SER C 77 19.21 14.53 5.98
CA SER C 77 19.39 15.87 5.43
C SER C 77 20.39 15.88 4.27
N ALA C 78 21.24 14.87 4.17
CA ALA C 78 22.21 14.78 3.09
C ALA C 78 22.02 13.53 2.23
N SER C 79 20.93 12.78 2.45
CA SER C 79 20.66 11.54 1.70
C SER C 79 21.82 10.56 1.83
N THR C 80 22.29 10.38 3.07
CA THR C 80 23.46 9.57 3.34
C THR C 80 23.13 8.50 4.36
N ALA C 81 23.41 7.25 4.02
CA ALA C 81 23.29 6.14 4.95
C ALA C 81 24.65 5.77 5.51
N TYR C 82 24.65 5.19 6.71
CA TYR C 82 25.87 4.82 7.39
C TYR C 82 25.81 3.37 7.83
N LEU C 83 26.98 2.75 7.96
CA LEU C 83 27.12 1.38 8.45
C LEU C 83 28.29 1.35 9.42
N GLU C 84 28.01 1.04 10.69
CA GLU C 84 29.03 0.99 11.73
C GLU C 84 29.24 -0.45 12.16
N ILE C 85 30.51 -0.86 12.24
CA ILE C 85 30.89 -2.19 12.71
C ILE C 85 31.85 -2.01 13.88
N HIS C 86 31.49 -2.60 15.02
CA HIS C 86 32.29 -2.54 16.23
C HIS C 86 32.98 -3.88 16.47
N ASN C 87 34.10 -3.82 17.18
CA ASN C 87 34.89 -5.01 17.51
C ASN C 87 35.22 -5.81 16.25
N LEU C 88 35.99 -5.18 15.37
CA LEU C 88 36.28 -5.78 14.08
C LEU C 88 37.12 -7.04 14.23
N THR C 89 36.81 -8.04 13.40
CA THR C 89 37.52 -9.30 13.38
C THR C 89 38.00 -9.58 11.96
N ASN C 90 38.78 -10.65 11.81
CA ASN C 90 39.38 -10.97 10.51
C ASN C 90 38.33 -11.39 9.50
N GLU C 91 37.24 -12.01 9.95
CA GLU C 91 36.19 -12.41 9.02
C GLU C 91 35.39 -11.22 8.51
N ASP C 92 35.44 -10.08 9.20
CA ASP C 92 34.79 -8.87 8.72
C ASP C 92 35.45 -8.30 7.48
N THR C 93 36.65 -8.76 7.13
CA THR C 93 37.33 -8.31 5.92
C THR C 93 36.53 -8.71 4.69
N ALA C 94 35.89 -7.74 4.05
CA ALA C 94 35.05 -7.97 2.89
C ALA C 94 34.73 -6.64 2.24
N THR C 95 33.99 -6.69 1.14
CA THR C 95 33.47 -5.49 0.49
C THR C 95 32.01 -5.32 0.89
N TYR C 96 31.64 -4.11 1.29
CA TYR C 96 30.30 -3.82 1.78
C TYR C 96 29.59 -2.91 0.78
N PHE C 97 28.41 -3.35 0.32
CA PHE C 97 27.61 -2.62 -0.65
C PHE C 97 26.34 -2.08 -0.01
N CYS C 98 26.01 -0.83 -0.32
CA CYS C 98 24.70 -0.28 -0.03
C CYS C 98 23.87 -0.32 -1.30
N ALA C 99 22.60 -0.72 -1.18
CA ALA C 99 21.76 -0.94 -2.35
C ALA C 99 20.40 -0.31 -2.14
N LEU C 100 19.92 0.40 -3.16
CA LEU C 100 18.55 0.92 -3.16
C LEU C 100 17.62 -0.25 -3.46
N GLY C 101 17.37 -1.06 -2.43
CA GLY C 101 16.60 -2.26 -2.62
C GLY C 101 17.32 -3.20 -3.57
N TRP C 102 16.58 -3.75 -4.52
CA TRP C 102 17.16 -4.60 -5.56
C TRP C 102 17.50 -3.82 -6.82
N LEU C 103 17.22 -2.52 -6.87
CA LEU C 103 17.29 -1.77 -8.12
C LEU C 103 18.73 -1.35 -8.44
N HIS C 104 19.35 -0.59 -7.55
CA HIS C 104 20.66 0.00 -7.81
C HIS C 104 21.60 -0.30 -6.66
N TRP C 105 22.80 -0.75 -6.99
CA TRP C 105 23.82 -1.07 -6.00
C TRP C 105 24.85 0.06 -5.90
N GLY C 106 25.37 0.26 -4.70
CA GLY C 106 26.44 1.22 -4.50
C GLY C 106 27.76 0.72 -5.04
N LEU C 107 28.72 1.63 -5.10
CA LEU C 107 30.02 1.29 -5.69
C LEU C 107 30.79 0.30 -4.82
N GLY C 108 30.55 0.31 -3.51
CA GLY C 108 31.19 -0.64 -2.62
C GLY C 108 32.33 -0.01 -1.83
N THR C 109 32.65 -0.64 -0.70
CA THR C 109 33.72 -0.19 0.19
C THR C 109 34.48 -1.41 0.69
N THR C 110 35.77 -1.48 0.38
CA THR C 110 36.59 -2.61 0.78
C THR C 110 37.17 -2.37 2.16
N LEU C 111 36.85 -3.26 3.10
CA LEU C 111 37.39 -3.22 4.45
C LEU C 111 38.31 -4.41 4.67
N THR C 112 39.53 -4.14 5.12
CA THR C 112 40.52 -5.18 5.37
C THR C 112 40.96 -5.11 6.82
N VAL C 113 40.76 -6.21 7.55
CA VAL C 113 41.13 -6.30 8.96
C VAL C 113 42.34 -7.21 9.07
N SER C 114 43.45 -6.66 9.55
CA SER C 114 44.67 -7.43 9.70
C SER C 114 45.55 -6.85 10.81
N ASP D 1 13.32 -19.63 6.01
CA ASP D 1 14.05 -18.84 5.03
C ASP D 1 14.02 -19.50 3.65
N ILE D 2 14.12 -18.68 2.61
CA ILE D 2 14.07 -19.16 1.23
C ILE D 2 15.48 -19.36 0.72
N GLN D 3 15.77 -20.55 0.21
CA GLN D 3 17.09 -20.89 -0.31
C GLN D 3 17.11 -20.73 -1.83
N LEU D 4 18.28 -20.36 -2.35
CA LEU D 4 18.49 -20.21 -3.79
C LEU D 4 19.63 -21.13 -4.22
N THR D 5 19.34 -22.06 -5.13
CA THR D 5 20.32 -22.97 -5.68
C THR D 5 20.46 -22.66 -7.17
N GLN D 6 21.59 -22.06 -7.55
CA GLN D 6 21.83 -21.69 -8.94
C GLN D 6 22.39 -22.89 -9.70
N SER D 7 22.41 -22.78 -11.03
CA SER D 7 22.86 -23.91 -11.83
C SER D 7 24.40 -23.89 -11.92
N PRO D 8 25.06 -23.59 -13.04
CA PRO D 8 26.49 -23.94 -13.11
C PRO D 8 27.35 -22.87 -12.44
N SER D 9 28.19 -23.31 -11.50
CA SER D 9 29.08 -22.36 -10.83
C SER D 9 30.12 -21.77 -11.78
N SER D 10 30.46 -22.49 -12.86
CA SER D 10 31.35 -21.97 -13.87
C SER D 10 30.86 -22.44 -15.24
N LEU D 11 31.27 -21.71 -16.28
CA LEU D 11 30.83 -22.01 -17.63
C LEU D 11 31.82 -21.41 -18.61
N ALA D 12 32.30 -22.23 -19.55
CA ALA D 12 33.22 -21.77 -20.59
C ALA D 12 32.42 -21.34 -21.81
N MET D 13 32.77 -20.20 -22.38
CA MET D 13 32.02 -19.60 -23.47
C MET D 13 32.79 -19.68 -24.77
N SER D 14 32.08 -19.89 -25.87
CA SER D 14 32.60 -19.77 -27.22
C SER D 14 31.83 -18.67 -27.92
N GLY D 15 32.54 -17.60 -28.30
CA GLY D 15 31.92 -16.39 -28.83
C GLY D 15 30.81 -16.58 -29.83
N GLY D 16 29.59 -16.17 -29.45
CA GLY D 16 28.43 -16.24 -30.31
C GLY D 16 27.39 -17.26 -29.88
N GLN D 17 27.81 -18.30 -29.17
CA GLN D 17 26.89 -19.35 -28.77
C GLN D 17 25.95 -18.85 -27.69
N LYS D 18 24.90 -19.63 -27.43
CA LYS D 18 23.91 -19.29 -26.43
C LYS D 18 24.27 -19.92 -25.08
N VAL D 19 24.11 -19.15 -24.02
CA VAL D 19 24.44 -19.58 -22.66
C VAL D 19 23.19 -19.50 -21.81
N THR D 20 22.95 -20.54 -21.01
CA THR D 20 21.78 -20.63 -20.15
C THR D 20 22.22 -20.94 -18.72
N MET D 21 21.70 -20.18 -17.76
CA MET D 21 21.93 -20.42 -16.34
C MET D 21 20.60 -20.38 -15.60
N ARG D 22 20.44 -21.25 -14.62
CA ARG D 22 19.18 -21.43 -13.93
C ARG D 22 19.29 -21.03 -12.46
N CYS D 23 18.15 -20.75 -11.85
CA CYS D 23 18.06 -20.37 -10.45
C CYS D 23 16.78 -20.99 -9.88
N LYS D 24 16.93 -21.93 -8.95
CA LYS D 24 15.80 -22.65 -8.38
C LYS D 24 15.67 -22.29 -6.89
N SER D 25 14.49 -21.86 -6.50
CA SER D 25 14.23 -21.45 -5.12
C SER D 25 13.50 -22.55 -4.37
N SER D 26 13.71 -22.59 -3.05
CA SER D 26 13.04 -23.58 -2.22
C SER D 26 11.54 -23.30 -2.11
N GLN D 27 11.15 -22.03 -2.23
CA GLN D 27 9.74 -21.65 -2.16
C GLN D 27 9.45 -20.64 -3.26
N SER D 28 8.17 -20.51 -3.59
CA SER D 28 7.77 -19.66 -4.70
C SER D 28 8.07 -18.19 -4.40
N LEU D 29 8.52 -17.47 -5.43
CA LEU D 29 8.80 -16.05 -5.33
C LEU D 29 7.70 -15.19 -5.96
N LEU D 30 6.57 -15.79 -6.33
CA LEU D 30 5.50 -15.08 -7.01
C LEU D 30 4.61 -14.39 -5.97
N ASN D 31 4.43 -13.09 -6.13
CA ASN D 31 3.60 -12.30 -5.21
C ASN D 31 2.17 -12.33 -5.74
N SER D 32 1.24 -12.74 -4.87
CA SER D 32 -0.17 -12.79 -5.27
C SER D 32 -0.78 -11.40 -5.39
N ARG D 33 -0.11 -10.37 -4.88
CA ARG D 33 -0.69 -9.03 -4.86
C ARG D 33 -0.57 -8.34 -6.22
N ASN D 34 0.56 -8.52 -6.91
CA ASN D 34 0.79 -7.87 -8.19
C ASN D 34 1.20 -8.83 -9.30
N GLU D 35 1.16 -10.15 -9.04
CA GLU D 35 1.47 -11.16 -10.05
C GLU D 35 2.90 -11.02 -10.57
N ARG D 36 3.82 -10.54 -9.74
CA ARG D 36 5.22 -10.39 -10.12
C ARG D 36 6.06 -11.40 -9.35
N ASN D 37 7.09 -11.94 -10.02
CA ASN D 37 8.03 -12.86 -9.39
C ASN D 37 9.21 -12.05 -8.87
N TYR D 38 9.38 -12.06 -7.54
CA TYR D 38 10.39 -11.21 -6.88
C TYR D 38 11.76 -11.88 -6.97
N LEU D 39 12.32 -11.82 -8.19
CA LEU D 39 13.65 -12.34 -8.47
C LEU D 39 14.36 -11.38 -9.41
N ALA D 40 15.65 -11.15 -9.16
CA ALA D 40 16.44 -10.23 -9.96
C ALA D 40 17.76 -10.87 -10.34
N TRP D 41 18.22 -10.58 -11.55
CA TRP D 41 19.50 -11.07 -12.06
C TRP D 41 20.49 -9.92 -12.15
N TYR D 42 21.74 -10.19 -11.77
CA TYR D 42 22.78 -9.17 -11.76
C TYR D 42 24.03 -9.69 -12.44
N GLN D 43 24.76 -8.76 -13.07
CA GLN D 43 26.08 -9.03 -13.65
C GLN D 43 27.11 -8.22 -12.87
N GLN D 44 28.20 -8.89 -12.47
CA GLN D 44 29.24 -8.24 -11.69
C GLN D 44 30.60 -8.60 -12.27
N LYS D 45 31.30 -7.60 -12.79
CA LYS D 45 32.66 -7.77 -13.31
C LYS D 45 33.67 -7.61 -12.19
N PRO D 46 34.89 -8.12 -12.36
CA PRO D 46 35.90 -8.01 -11.30
C PRO D 46 36.18 -6.55 -10.94
N GLY D 47 36.15 -6.26 -9.64
CA GLY D 47 36.41 -4.92 -9.17
C GLY D 47 35.27 -3.94 -9.35
N GLN D 48 34.07 -4.41 -9.67
CA GLN D 48 32.92 -3.56 -9.89
C GLN D 48 31.75 -4.04 -9.05
N SER D 49 30.75 -3.18 -8.93
CA SER D 49 29.53 -3.51 -8.23
C SER D 49 28.57 -4.27 -9.14
N PRO D 50 27.67 -5.06 -8.57
CA PRO D 50 26.68 -5.76 -9.41
C PRO D 50 25.82 -4.78 -10.18
N LYS D 51 25.53 -5.13 -11.44
CA LYS D 51 24.71 -4.31 -12.32
C LYS D 51 23.44 -5.08 -12.66
N LEU D 52 22.29 -4.43 -12.51
CA LEU D 52 21.01 -5.10 -12.70
C LEU D 52 20.79 -5.41 -14.17
N LEU D 53 20.60 -6.69 -14.48
CA LEU D 53 20.29 -7.12 -15.84
C LEU D 53 18.78 -7.26 -16.05
N VAL D 54 18.15 -8.10 -15.25
CA VAL D 54 16.72 -8.40 -15.37
C VAL D 54 16.09 -8.34 -13.99
N TYR D 55 14.96 -7.65 -13.87
CA TYR D 55 14.21 -7.59 -12.63
C TYR D 55 12.82 -8.16 -12.87
N PHE D 56 12.17 -8.53 -11.76
CA PHE D 56 10.87 -9.20 -11.80
C PHE D 56 10.94 -10.45 -12.69
N ALA D 57 12.00 -11.23 -12.49
CA ALA D 57 12.22 -12.53 -13.13
C ALA D 57 12.47 -12.42 -14.63
N SER D 58 11.65 -11.66 -15.37
CA SER D 58 11.70 -11.73 -16.82
C SER D 58 11.67 -10.36 -17.51
N ILE D 59 11.84 -9.26 -16.78
CA ILE D 59 11.73 -7.92 -17.35
C ILE D 59 13.13 -7.32 -17.46
N ARG D 60 13.54 -7.04 -18.69
CA ARG D 60 14.89 -6.55 -18.93
C ARG D 60 15.00 -5.09 -18.52
N GLU D 61 16.09 -4.76 -17.81
CA GLU D 61 16.31 -3.41 -17.34
C GLU D 61 16.73 -2.51 -18.50
N SER D 62 16.37 -1.22 -18.38
CA SER D 62 16.73 -0.23 -19.39
C SER D 62 18.25 -0.18 -19.59
N GLY D 63 18.67 -0.20 -20.86
CA GLY D 63 20.07 -0.17 -21.21
C GLY D 63 20.72 -1.53 -21.34
N VAL D 64 20.09 -2.58 -20.87
CA VAL D 64 20.65 -3.93 -20.93
C VAL D 64 20.49 -4.46 -22.36
N PRO D 65 21.51 -5.08 -22.94
CA PRO D 65 21.37 -5.62 -24.29
C PRO D 65 20.24 -6.63 -24.40
N ASP D 66 19.63 -6.68 -25.57
CA ASP D 66 18.46 -7.53 -25.80
C ASP D 66 18.78 -9.01 -25.78
N ARG D 67 20.06 -9.40 -25.71
CA ARG D 67 20.43 -10.81 -25.66
C ARG D 67 20.23 -11.41 -24.28
N PHE D 68 20.16 -10.59 -23.23
CA PHE D 68 19.89 -11.06 -21.88
C PHE D 68 18.39 -11.22 -21.71
N ILE D 69 17.94 -12.47 -21.60
CA ILE D 69 16.52 -12.79 -21.53
C ILE D 69 16.26 -13.60 -20.27
N GLY D 70 15.43 -13.07 -19.38
CA GLY D 70 15.00 -13.80 -18.20
C GLY D 70 13.63 -14.40 -18.42
N SER D 71 13.39 -15.52 -17.76
CA SER D 71 12.11 -16.22 -17.90
C SER D 71 11.91 -17.13 -16.68
N GLY D 72 10.71 -17.65 -16.55
CA GLY D 72 10.34 -18.54 -15.47
C GLY D 72 9.33 -17.90 -14.53
N SER D 73 8.80 -18.74 -13.66
CA SER D 73 7.82 -18.31 -12.67
C SER D 73 7.78 -19.32 -11.54
N GLY D 74 7.39 -18.84 -10.35
CA GLY D 74 7.26 -19.71 -9.20
C GLY D 74 8.59 -20.04 -8.54
N THR D 75 9.15 -21.21 -8.86
CA THR D 75 10.40 -21.66 -8.28
C THR D 75 11.50 -21.94 -9.29
N ASP D 76 11.17 -22.08 -10.57
CA ASP D 76 12.14 -22.37 -11.61
C ASP D 76 12.33 -21.13 -12.46
N PHE D 77 13.54 -20.56 -12.43
CA PHE D 77 13.87 -19.37 -13.21
C PHE D 77 15.18 -19.59 -13.95
N THR D 78 15.30 -19.00 -15.13
CA THR D 78 16.48 -19.13 -15.96
C THR D 78 16.87 -17.76 -16.53
N LEU D 79 18.15 -17.61 -16.82
CA LEU D 79 18.68 -16.44 -17.51
C LEU D 79 19.46 -16.91 -18.73
N THR D 80 19.08 -16.37 -19.90
CA THR D 80 19.64 -16.82 -21.17
C THR D 80 20.37 -15.69 -21.86
N ILE D 81 21.56 -15.99 -22.37
CA ILE D 81 22.35 -15.06 -23.18
C ILE D 81 22.35 -15.63 -24.60
N SER D 82 21.57 -15.02 -25.49
CA SER D 82 21.33 -15.61 -26.81
C SER D 82 22.62 -15.69 -27.63
N SER D 83 23.43 -14.63 -27.60
CA SER D 83 24.69 -14.58 -28.34
C SER D 83 25.74 -13.96 -27.43
N VAL D 84 26.50 -14.81 -26.74
CA VAL D 84 27.48 -14.32 -25.78
C VAL D 84 28.55 -13.51 -26.50
N GLN D 85 28.95 -12.40 -25.90
CA GLN D 85 29.95 -11.50 -26.45
C GLN D 85 31.20 -11.51 -25.58
N ALA D 86 32.21 -10.75 -26.01
CA ALA D 86 33.44 -10.67 -25.24
C ALA D 86 33.27 -9.82 -23.98
N GLU D 87 32.35 -8.86 -24.02
CA GLU D 87 32.09 -7.99 -22.87
C GLU D 87 31.22 -8.66 -21.81
N ASP D 88 30.78 -9.89 -22.04
CA ASP D 88 29.93 -10.61 -21.10
C ASP D 88 30.73 -11.44 -20.10
N LEU D 89 32.06 -11.35 -20.13
CA LEU D 89 32.91 -12.10 -19.21
C LEU D 89 32.79 -11.46 -17.82
N ALA D 90 31.99 -12.06 -16.96
CA ALA D 90 31.76 -11.54 -15.61
C ALA D 90 31.11 -12.65 -14.77
N ASP D 91 30.79 -12.30 -13.54
CA ASP D 91 30.04 -13.17 -12.62
C ASP D 91 28.56 -12.82 -12.67
N TYR D 92 27.72 -13.84 -12.55
CA TYR D 92 26.27 -13.67 -12.62
C TYR D 92 25.62 -14.41 -11.46
N PHE D 93 24.64 -13.78 -10.84
CA PHE D 93 23.93 -14.40 -9.72
C PHE D 93 22.49 -13.90 -9.68
N CYS D 94 21.61 -14.71 -9.09
CA CYS D 94 20.22 -14.36 -8.89
C CYS D 94 19.99 -13.91 -7.45
N LEU D 95 18.93 -13.14 -7.25
CA LEU D 95 18.58 -12.62 -5.93
C LEU D 95 17.08 -12.64 -5.75
N GLN D 96 16.62 -13.22 -4.65
CA GLN D 96 15.21 -13.21 -4.28
C GLN D 96 14.97 -12.12 -3.25
N HIS D 97 13.90 -11.35 -3.45
CA HIS D 97 13.52 -10.29 -2.53
C HIS D 97 12.05 -10.42 -2.16
N TYR D 98 11.59 -11.66 -2.00
CA TYR D 98 10.19 -11.91 -1.63
C TYR D 98 9.98 -11.78 -0.14
N ASN D 99 10.84 -12.41 0.66
CA ASN D 99 10.76 -12.36 2.12
C ASN D 99 11.86 -11.46 2.67
N THR D 100 11.79 -11.24 3.98
CA THR D 100 12.77 -10.37 4.63
C THR D 100 14.20 -10.92 4.53
N PRO D 101 14.49 -12.20 4.85
CA PRO D 101 15.87 -12.67 4.69
C PRO D 101 16.23 -12.88 3.23
N TRP D 102 16.73 -11.83 2.58
CA TRP D 102 17.17 -11.95 1.19
C TRP D 102 18.33 -12.92 1.08
N THR D 103 18.30 -13.75 0.04
CA THR D 103 19.33 -14.73 -0.22
C THR D 103 19.80 -14.63 -1.66
N PHE D 104 21.06 -14.94 -1.88
CA PHE D 104 21.70 -14.84 -3.19
C PHE D 104 22.10 -16.23 -3.69
N GLY D 105 22.26 -16.32 -5.01
CA GLY D 105 22.73 -17.55 -5.63
C GLY D 105 24.23 -17.74 -5.45
N GLY D 106 24.69 -18.93 -5.84
CA GLY D 106 26.10 -19.26 -5.69
C GLY D 106 27.02 -18.49 -6.60
N GLY D 107 26.52 -18.01 -7.72
CA GLY D 107 27.35 -17.28 -8.66
C GLY D 107 27.71 -18.14 -9.87
N THR D 108 27.86 -17.47 -11.01
CA THR D 108 28.19 -18.13 -12.28
C THR D 108 29.32 -17.36 -12.94
N LYS D 109 30.49 -17.99 -13.04
CA LYS D 109 31.67 -17.35 -13.63
C LYS D 109 31.74 -17.68 -15.11
N LEU D 110 31.73 -16.64 -15.95
CA LEU D 110 31.83 -16.79 -17.39
C LEU D 110 33.27 -16.50 -17.82
N GLU D 111 33.89 -17.45 -18.50
CA GLU D 111 35.27 -17.31 -18.95
C GLU D 111 35.45 -18.03 -20.28
N ILE D 112 36.60 -17.80 -20.89
CA ILE D 112 36.92 -18.39 -22.18
C ILE D 112 37.33 -19.85 -22.01
N LYS E 24 -11.97 -0.68 -21.25
CA LYS E 24 -10.87 -0.83 -22.20
C LYS E 24 -9.66 -1.48 -21.54
N ASP E 25 -9.94 -2.42 -20.62
CA ASP E 25 -8.91 -3.16 -19.89
C ASP E 25 -8.04 -2.25 -19.04
N GLN E 26 -7.55 -1.15 -19.63
CA GLN E 26 -6.67 -0.24 -18.91
C GLN E 26 -7.37 0.46 -17.76
N GLN E 27 -8.70 0.42 -17.69
CA GLN E 27 -9.40 0.97 -16.54
C GLN E 27 -9.11 0.15 -15.28
N SER E 28 -8.84 -1.14 -15.43
CA SER E 28 -8.44 -1.96 -14.29
C SER E 28 -7.06 -1.54 -13.78
N ALA E 29 -6.14 -1.23 -14.69
CA ALA E 29 -4.84 -0.69 -14.29
C ALA E 29 -5.00 0.66 -13.62
N PHE E 30 -5.94 1.47 -14.09
CA PHE E 30 -6.22 2.75 -13.45
C PHE E 30 -6.72 2.55 -12.02
N TYR E 31 -7.52 1.51 -11.80
CA TYR E 31 -8.07 1.28 -10.46
C TYR E 31 -6.99 0.75 -9.51
N GLU E 32 -6.09 -0.11 -10.00
CA GLU E 32 -5.05 -0.65 -9.14
C GLU E 32 -4.07 0.43 -8.71
N ILE E 33 -3.64 1.28 -9.66
CA ILE E 33 -2.71 2.35 -9.33
C ILE E 33 -3.38 3.38 -8.43
N LEU E 34 -4.68 3.63 -8.64
CA LEU E 34 -5.41 4.56 -7.78
C LEU E 34 -5.60 3.98 -6.38
N ASN E 35 -5.64 2.66 -6.25
CA ASN E 35 -5.82 1.99 -4.96
C ASN E 35 -4.56 1.27 -4.51
N MET E 36 -3.39 1.82 -4.84
CA MET E 36 -2.13 1.19 -4.46
C MET E 36 -2.00 1.15 -2.93
N PRO E 37 -1.37 0.12 -2.38
CA PRO E 37 -1.31 0.02 -0.90
C PRO E 37 -0.53 1.14 -0.26
N ASN E 38 0.70 1.40 -0.72
CA ASN E 38 1.53 2.45 -0.11
C ASN E 38 2.36 3.07 -1.24
N LEU E 39 1.86 4.17 -1.80
CA LEU E 39 2.54 4.86 -2.88
C LEU E 39 2.68 6.33 -2.52
N ASN E 40 3.77 6.93 -2.98
CA ASN E 40 3.93 8.37 -2.85
C ASN E 40 2.83 9.07 -3.64
N GLU E 41 2.17 10.03 -2.99
CA GLU E 41 1.00 10.66 -3.61
C GLU E 41 1.38 11.45 -4.85
N ALA E 42 2.56 12.08 -4.86
CA ALA E 42 3.02 12.76 -6.06
C ALA E 42 3.35 11.76 -7.15
N GLN E 43 3.96 10.62 -6.79
CA GLN E 43 4.23 9.58 -7.77
C GLN E 43 2.93 8.94 -8.27
N ARG E 44 1.93 8.82 -7.40
CA ARG E 44 0.65 8.27 -7.82
C ARG E 44 -0.05 9.19 -8.82
N ASN E 45 -0.06 10.49 -8.54
CA ASN E 45 -0.66 11.44 -9.47
C ASN E 45 0.07 11.45 -10.80
N GLY E 46 1.39 11.23 -10.79
CA GLY E 46 2.12 11.14 -12.03
C GLY E 46 1.79 9.89 -12.82
N PHE E 47 1.58 8.76 -12.13
CA PHE E 47 1.17 7.54 -12.79
C PHE E 47 -0.23 7.68 -13.39
N ILE E 48 -1.14 8.33 -12.66
CA ILE E 48 -2.50 8.50 -13.15
C ILE E 48 -2.54 9.47 -14.33
N GLN E 49 -1.77 10.56 -14.25
CA GLN E 49 -1.75 11.52 -15.35
C GLN E 49 -1.12 10.93 -16.60
N SER E 50 -0.13 10.05 -16.45
CA SER E 50 0.40 9.34 -17.61
C SER E 50 -0.63 8.39 -18.20
N LEU E 51 -1.48 7.82 -17.35
CA LEU E 51 -2.56 6.97 -17.84
C LEU E 51 -3.65 7.76 -18.54
N LYS E 52 -3.74 9.07 -18.29
CA LYS E 52 -4.67 9.95 -18.97
C LYS E 52 -4.10 10.48 -20.28
N ASP E 53 -2.81 10.84 -20.29
CA ASP E 53 -2.22 11.46 -21.47
C ASP E 53 -2.00 10.45 -22.59
N ASP E 54 -1.40 9.31 -22.27
CA ASP E 54 -1.16 8.24 -23.23
C ASP E 54 -1.71 6.94 -22.65
N PRO E 55 -3.01 6.68 -22.85
CA PRO E 55 -3.61 5.48 -22.25
C PRO E 55 -3.03 4.18 -22.78
N SER E 56 -2.51 4.18 -24.01
CA SER E 56 -1.95 2.96 -24.58
C SER E 56 -0.78 2.45 -23.76
N GLN E 57 -0.05 3.36 -23.09
CA GLN E 57 1.03 2.96 -22.18
C GLN E 57 0.42 2.66 -20.80
N SER E 58 -0.26 1.52 -20.73
CA SER E 58 -0.86 1.04 -19.49
C SER E 58 -0.01 0.00 -18.79
N THR E 59 0.59 -0.91 -19.54
CA THR E 59 1.49 -1.89 -18.94
C THR E 59 2.77 -1.24 -18.43
N ASN E 60 3.22 -0.18 -19.10
CA ASN E 60 4.47 0.46 -18.70
C ASN E 60 4.32 1.20 -17.38
N VAL E 61 3.20 1.90 -17.19
CA VAL E 61 3.02 2.70 -15.98
C VAL E 61 2.79 1.81 -14.77
N LEU E 62 1.94 0.80 -14.92
CA LEU E 62 1.71 -0.14 -13.83
C LEU E 62 2.99 -0.89 -13.47
N LEU E 63 3.86 -1.13 -14.45
CA LEU E 63 5.13 -1.76 -14.16
C LEU E 63 5.99 -0.88 -13.26
N GLU E 64 6.03 0.42 -13.53
CA GLU E 64 6.76 1.34 -12.65
C GLU E 64 6.12 1.39 -11.27
N ALA E 65 4.79 1.33 -11.20
CA ALA E 65 4.11 1.36 -9.91
C ALA E 65 4.50 0.16 -9.05
N ASP E 66 4.42 -1.05 -9.62
CA ASP E 66 4.83 -2.23 -8.89
C ASP E 66 6.34 -2.23 -8.64
N LYS E 67 7.11 -1.62 -9.55
CA LYS E 67 8.56 -1.60 -9.40
C LYS E 67 8.98 -0.78 -8.19
N TRP E 68 8.40 0.41 -8.01
CA TRP E 68 8.77 1.25 -6.88
C TRP E 68 8.05 0.84 -5.60
N ALA E 69 6.88 0.23 -5.71
CA ALA E 69 6.19 -0.24 -4.51
C ALA E 69 6.97 -1.36 -3.82
N SER E 70 7.63 -2.22 -4.61
CA SER E 70 8.46 -3.29 -4.04
C SER E 70 9.70 -2.75 -3.35
N LEU E 71 10.06 -1.50 -3.57
CA LEU E 71 11.21 -0.88 -2.95
C LEU E 71 10.85 0.04 -1.80
N GLN E 72 9.56 0.30 -1.59
CA GLN E 72 9.11 1.25 -0.58
C GLN E 72 9.41 0.72 0.82
N ASN E 73 9.44 1.64 1.79
CA ASN E 73 9.58 1.28 3.20
C ASN E 73 8.33 0.60 3.72
N GLN F 3 3.79 -29.22 -20.09
CA GLN F 3 2.46 -29.80 -19.95
C GLN F 3 1.66 -29.07 -18.87
N ILE F 4 0.97 -29.82 -18.02
CA ILE F 4 0.12 -29.23 -16.98
C ILE F 4 0.99 -28.79 -15.81
N GLN F 5 0.84 -27.54 -15.41
CA GLN F 5 1.60 -26.99 -14.30
C GLN F 5 0.75 -25.96 -13.56
N LEU F 6 0.76 -26.04 -12.23
CA LEU F 6 0.09 -25.08 -11.37
C LEU F 6 1.15 -24.37 -10.54
N VAL F 7 1.17 -23.03 -10.61
CA VAL F 7 2.13 -22.21 -9.90
C VAL F 7 1.37 -21.39 -8.87
N GLN F 8 1.73 -21.54 -7.60
CA GLN F 8 1.07 -20.85 -6.51
C GLN F 8 1.89 -19.65 -6.06
N SER F 9 1.27 -18.83 -5.21
CA SER F 9 1.95 -17.67 -4.67
C SER F 9 2.96 -18.11 -3.60
N GLY F 10 3.80 -17.16 -3.20
CA GLY F 10 4.84 -17.45 -2.24
C GLY F 10 4.31 -17.56 -0.83
N PRO F 11 5.23 -17.79 0.11
CA PRO F 11 4.84 -17.91 1.51
C PRO F 11 4.30 -16.59 2.05
N GLU F 12 3.54 -16.69 3.14
CA GLU F 12 2.87 -15.54 3.72
C GLU F 12 3.13 -15.50 5.23
N LEU F 13 3.49 -14.31 5.72
CA LEU F 13 3.66 -14.07 7.15
C LEU F 13 2.59 -13.10 7.61
N LYS F 14 1.70 -13.56 8.48
CA LYS F 14 0.53 -12.80 8.88
C LYS F 14 0.39 -12.76 10.39
N LYS F 15 -0.13 -11.64 10.90
CA LYS F 15 -0.53 -11.50 12.29
C LYS F 15 -1.99 -11.94 12.46
N PRO F 16 -2.36 -12.40 13.64
CA PRO F 16 -3.73 -12.89 13.84
C PRO F 16 -4.77 -11.81 13.57
N GLY F 17 -5.84 -12.19 12.86
CA GLY F 17 -6.91 -11.29 12.53
C GLY F 17 -6.85 -10.69 11.14
N GLU F 18 -5.72 -10.85 10.44
CA GLU F 18 -5.55 -10.23 9.13
C GLU F 18 -6.21 -11.09 8.06
N THR F 19 -5.97 -10.73 6.79
CA THR F 19 -6.54 -11.44 5.65
C THR F 19 -5.42 -11.79 4.68
N VAL F 20 -5.47 -13.01 4.13
CA VAL F 20 -4.47 -13.49 3.20
C VAL F 20 -5.17 -13.97 1.93
N LYS F 21 -4.49 -13.79 0.79
CA LYS F 21 -5.02 -14.22 -0.50
C LYS F 21 -3.93 -14.99 -1.23
N ILE F 22 -4.26 -16.22 -1.63
CA ILE F 22 -3.32 -17.13 -2.29
C ILE F 22 -3.75 -17.28 -3.75
N SER F 23 -2.81 -17.07 -4.66
CA SER F 23 -3.06 -17.20 -6.09
C SER F 23 -2.52 -18.53 -6.60
N CYS F 24 -3.03 -18.95 -7.76
CA CYS F 24 -2.66 -20.24 -8.34
C CYS F 24 -2.86 -20.14 -9.85
N LYS F 25 -1.76 -19.90 -10.56
CA LYS F 25 -1.80 -19.73 -12.02
C LYS F 25 -1.60 -21.08 -12.70
N ALA F 26 -2.41 -21.35 -13.72
CA ALA F 26 -2.41 -22.62 -14.42
C ALA F 26 -1.98 -22.44 -15.87
N SER F 27 -1.53 -23.53 -16.47
CA SER F 27 -1.11 -23.56 -17.87
C SER F 27 -0.99 -25.01 -18.32
N GLY F 28 -1.26 -25.22 -19.61
CA GLY F 28 -1.09 -26.53 -20.22
C GLY F 28 -2.37 -27.29 -20.49
N TYR F 29 -3.53 -26.71 -20.20
CA TYR F 29 -4.80 -27.39 -20.41
C TYR F 29 -5.91 -26.35 -20.48
N THR F 30 -7.10 -26.82 -20.87
CA THR F 30 -8.27 -25.95 -20.93
C THR F 30 -8.71 -25.61 -19.51
N PHE F 31 -8.51 -24.35 -19.11
CA PHE F 31 -8.72 -23.97 -17.71
C PHE F 31 -10.19 -24.04 -17.32
N THR F 32 -11.10 -23.79 -18.25
CA THR F 32 -12.52 -23.67 -17.95
C THR F 32 -13.26 -25.00 -17.98
N ASP F 33 -12.55 -26.12 -18.13
CA ASP F 33 -13.18 -27.42 -18.26
C ASP F 33 -13.03 -28.33 -17.03
N TYR F 34 -11.98 -28.16 -16.23
CA TYR F 34 -11.66 -29.09 -15.16
C TYR F 34 -11.51 -28.33 -13.85
N SER F 35 -12.20 -28.80 -12.82
CA SER F 35 -12.34 -28.04 -11.57
C SER F 35 -11.01 -27.92 -10.84
N VAL F 36 -10.95 -26.94 -9.94
CA VAL F 36 -9.78 -26.68 -9.10
C VAL F 36 -10.20 -26.87 -7.65
N HIS F 37 -9.46 -27.72 -6.93
CA HIS F 37 -9.75 -28.03 -5.54
C HIS F 37 -8.63 -27.48 -4.64
N TRP F 38 -8.97 -27.25 -3.38
CA TRP F 38 -8.05 -26.66 -2.42
C TRP F 38 -7.84 -27.63 -1.26
N VAL F 39 -6.58 -27.79 -0.85
CA VAL F 39 -6.18 -28.70 0.22
C VAL F 39 -5.34 -27.93 1.22
N LYS F 40 -5.54 -28.21 2.51
CA LYS F 40 -4.82 -27.56 3.60
C LYS F 40 -4.07 -28.62 4.38
N GLN F 41 -2.75 -28.44 4.53
CA GLN F 41 -1.88 -29.43 5.17
C GLN F 41 -1.24 -28.78 6.40
N VAL F 42 -1.75 -29.13 7.58
CA VAL F 42 -1.17 -28.77 8.87
C VAL F 42 -0.04 -29.75 9.14
N PRO F 43 1.06 -29.36 9.81
CA PRO F 43 2.11 -30.38 10.02
C PRO F 43 1.71 -31.49 10.99
N GLY F 46 -1.67 -34.92 8.15
CA GLY F 46 -2.89 -34.14 8.02
C GLY F 46 -3.15 -33.63 6.62
N LEU F 47 -4.36 -33.90 6.12
CA LEU F 47 -4.76 -33.44 4.78
C LEU F 47 -6.26 -33.21 4.82
N LYS F 48 -6.68 -31.95 4.68
CA LYS F 48 -8.09 -31.59 4.78
C LYS F 48 -8.55 -30.98 3.46
N TRP F 49 -9.55 -31.62 2.84
CA TRP F 49 -10.13 -31.10 1.61
C TRP F 49 -10.99 -29.88 1.93
N MET F 50 -10.61 -28.73 1.37
CA MET F 50 -11.31 -27.48 1.66
C MET F 50 -12.52 -27.23 0.78
N GLY F 51 -12.49 -27.71 -0.45
CA GLY F 51 -13.60 -27.52 -1.36
C GLY F 51 -13.09 -27.40 -2.79
N TRP F 52 -14.01 -27.04 -3.69
CA TRP F 52 -13.70 -26.82 -5.09
C TRP F 52 -14.44 -25.58 -5.56
N ILE F 53 -14.22 -25.22 -6.82
CA ILE F 53 -14.85 -24.04 -7.42
C ILE F 53 -15.25 -24.39 -8.85
N ASN F 54 -16.46 -24.00 -9.23
CA ASN F 54 -16.94 -24.25 -10.59
C ASN F 54 -16.11 -23.45 -11.58
N THR F 55 -15.75 -24.10 -12.68
CA THR F 55 -14.83 -23.49 -13.65
C THR F 55 -15.51 -22.38 -14.44
N GLU F 56 -16.55 -22.73 -15.20
CA GLU F 56 -17.13 -21.78 -16.13
C GLU F 56 -18.02 -20.76 -15.43
N THR F 57 -18.75 -21.17 -14.40
CA THR F 57 -19.67 -20.25 -13.73
C THR F 57 -19.04 -19.57 -12.51
N GLY F 58 -18.07 -20.21 -11.87
CA GLY F 58 -17.43 -19.64 -10.71
C GLY F 58 -18.11 -19.91 -9.39
N GLU F 59 -19.09 -20.80 -9.35
CA GLU F 59 -19.80 -21.11 -8.12
C GLU F 59 -18.94 -21.95 -7.20
N PRO F 60 -18.58 -21.48 -6.01
CA PRO F 60 -17.74 -22.27 -5.11
C PRO F 60 -18.56 -23.14 -4.17
N THR F 61 -17.98 -24.29 -3.83
CA THR F 61 -18.56 -25.22 -2.86
C THR F 61 -17.52 -25.49 -1.79
N TYR F 62 -17.84 -25.16 -0.55
CA TYR F 62 -16.89 -25.26 0.54
C TYR F 62 -17.18 -26.48 1.40
N ALA F 63 -16.13 -27.02 2.02
CA ALA F 63 -16.30 -28.11 2.96
C ALA F 63 -17.00 -27.63 4.21
N ASP F 64 -17.45 -28.59 5.03
CA ASP F 64 -18.21 -28.25 6.23
C ASP F 64 -17.37 -27.42 7.21
N ASP F 65 -16.07 -27.71 7.30
CA ASP F 65 -15.19 -27.03 8.22
C ASP F 65 -14.59 -25.76 7.62
N PHE F 66 -15.01 -25.35 6.44
CA PHE F 66 -14.44 -24.19 5.76
C PHE F 66 -15.54 -23.36 5.11
N LYS F 67 -16.67 -23.22 5.78
CA LYS F 67 -17.81 -22.49 5.21
C LYS F 67 -17.82 -21.02 5.56
N GLY F 68 -17.15 -20.61 6.64
CA GLY F 68 -17.28 -19.26 7.13
C GLY F 68 -16.27 -18.27 6.59
N ARG F 69 -15.01 -18.42 6.99
CA ARG F 69 -13.98 -17.43 6.73
C ARG F 69 -13.24 -17.64 5.42
N PHE F 70 -13.68 -18.58 4.58
CA PHE F 70 -12.96 -18.93 3.37
C PHE F 70 -13.80 -18.59 2.15
N ALA F 71 -13.12 -18.14 1.08
CA ALA F 71 -13.80 -17.70 -0.13
C ALA F 71 -12.94 -18.05 -1.35
N PHE F 72 -13.56 -18.72 -2.32
CA PHE F 72 -12.90 -19.08 -3.57
C PHE F 72 -13.34 -18.11 -4.66
N SER F 73 -12.39 -17.71 -5.51
CA SER F 73 -12.68 -16.79 -6.61
C SER F 73 -11.78 -17.13 -7.78
N LEU F 74 -12.09 -16.54 -8.94
CA LEU F 74 -11.37 -16.83 -10.17
C LEU F 74 -11.08 -15.55 -10.93
N GLU F 75 -10.04 -15.60 -11.76
CA GLU F 75 -9.77 -14.60 -12.79
C GLU F 75 -9.53 -15.41 -14.08
N SER F 76 -10.63 -15.75 -14.76
CA SER F 76 -10.56 -16.68 -15.89
C SER F 76 -9.70 -16.14 -17.02
N SER F 77 -9.58 -14.81 -17.14
CA SER F 77 -8.78 -14.24 -18.20
C SER F 77 -7.30 -14.58 -18.06
N ALA F 78 -6.84 -14.86 -16.84
CA ALA F 78 -5.45 -15.22 -16.60
C ALA F 78 -5.30 -16.66 -16.11
N SER F 79 -6.38 -17.43 -16.06
CA SER F 79 -6.34 -18.82 -15.61
C SER F 79 -5.74 -18.94 -14.21
N THR F 80 -6.27 -18.13 -13.29
CA THR F 80 -5.76 -18.05 -11.92
C THR F 80 -6.90 -18.21 -10.93
N ALA F 81 -6.74 -19.13 -10.00
CA ALA F 81 -7.69 -19.33 -8.91
C ALA F 81 -7.16 -18.67 -7.64
N TYR F 82 -8.08 -18.22 -6.79
CA TYR F 82 -7.72 -17.50 -5.58
C TYR F 82 -8.35 -18.15 -4.36
N LEU F 83 -7.68 -17.99 -3.22
CA LEU F 83 -8.16 -18.49 -1.93
C LEU F 83 -7.98 -17.39 -0.90
N GLU F 84 -9.08 -16.88 -0.36
CA GLU F 84 -9.07 -15.81 0.63
C GLU F 84 -9.47 -16.36 1.99
N ILE F 85 -8.69 -16.02 3.01
CA ILE F 85 -8.95 -16.43 4.39
C ILE F 85 -9.12 -15.18 5.24
N HIS F 86 -10.25 -15.05 5.90
CA HIS F 86 -10.58 -13.90 6.71
C HIS F 86 -10.45 -14.23 8.19
N ASN F 87 -10.12 -13.22 9.00
CA ASN F 87 -9.98 -13.36 10.45
C ASN F 87 -9.01 -14.50 10.79
N LEU F 88 -7.76 -14.30 10.40
CA LEU F 88 -6.75 -15.35 10.53
C LEU F 88 -6.47 -15.65 12.00
N THR F 89 -6.37 -16.94 12.31
CA THR F 89 -6.00 -17.44 13.63
C THR F 89 -4.82 -18.38 13.49
N ASN F 90 -4.32 -18.86 14.63
CA ASN F 90 -3.17 -19.76 14.61
C ASN F 90 -3.49 -21.11 13.98
N GLU F 91 -4.76 -21.52 13.97
CA GLU F 91 -5.13 -22.77 13.33
C GLU F 91 -5.08 -22.68 11.81
N ASP F 92 -5.15 -21.47 11.26
CA ASP F 92 -5.05 -21.30 9.81
C ASP F 92 -3.64 -21.57 9.29
N THR F 93 -2.65 -21.60 10.18
CA THR F 93 -1.26 -21.84 9.78
C THR F 93 -1.11 -23.25 9.21
N ALA F 94 -0.86 -23.34 7.91
CA ALA F 94 -0.69 -24.62 7.22
C ALA F 94 -0.18 -24.34 5.82
N THR F 95 0.08 -25.41 5.07
CA THR F 95 0.45 -25.32 3.67
C THR F 95 -0.80 -25.56 2.82
N TYR F 96 -1.04 -24.68 1.86
CA TYR F 96 -2.26 -24.71 1.05
C TYR F 96 -1.93 -25.08 -0.38
N PHE F 97 -2.62 -26.08 -0.91
CA PHE F 97 -2.40 -26.58 -2.25
C PHE F 97 -3.64 -26.33 -3.12
N CYS F 98 -3.40 -25.88 -4.34
CA CYS F 98 -4.42 -25.89 -5.38
C CYS F 98 -4.16 -27.10 -6.28
N ALA F 99 -5.21 -27.87 -6.56
CA ALA F 99 -5.06 -29.12 -7.29
C ALA F 99 -6.06 -29.19 -8.43
N LEU F 100 -5.58 -29.58 -9.61
CA LEU F 100 -6.44 -29.83 -10.76
C LEU F 100 -7.16 -31.15 -10.52
N GLY F 101 -8.19 -31.08 -9.67
CA GLY F 101 -8.88 -32.28 -9.26
C GLY F 101 -7.94 -33.20 -8.50
N TRP F 102 -7.92 -34.46 -8.88
CA TRP F 102 -7.01 -35.44 -8.30
C TRP F 102 -5.74 -35.63 -9.12
N LEU F 103 -5.66 -35.01 -10.30
CA LEU F 103 -4.58 -35.33 -11.23
C LEU F 103 -3.28 -34.61 -10.85
N HIS F 104 -3.28 -33.29 -10.90
CA HIS F 104 -2.08 -32.49 -10.73
C HIS F 104 -2.25 -31.56 -9.54
N TRP F 105 -1.25 -31.53 -8.66
CA TRP F 105 -1.25 -30.67 -7.49
C TRP F 105 -0.35 -29.47 -7.72
N GLY F 106 -0.68 -28.35 -7.07
CA GLY F 106 0.14 -27.17 -7.12
C GLY F 106 1.36 -27.28 -6.24
N LEU F 107 2.27 -26.32 -6.42
CA LEU F 107 3.53 -26.35 -5.68
C LEU F 107 3.31 -26.22 -4.18
N GLY F 108 2.27 -25.53 -3.76
CA GLY F 108 2.00 -25.35 -2.36
C GLY F 108 2.35 -23.95 -1.88
N THR F 109 1.63 -23.50 -0.85
CA THR F 109 1.84 -22.16 -0.28
C THR F 109 1.78 -22.27 1.24
N THR F 110 2.89 -21.95 1.90
CA THR F 110 2.98 -22.04 3.34
C THR F 110 2.51 -20.73 3.96
N LEU F 111 1.46 -20.80 4.78
CA LEU F 111 0.93 -19.65 5.50
C LEU F 111 1.23 -19.82 6.98
N THR F 112 1.80 -18.78 7.59
CA THR F 112 2.18 -18.80 9.00
C THR F 112 1.53 -17.61 9.70
N VAL F 113 0.68 -17.89 10.67
CA VAL F 113 -0.03 -16.85 11.43
C VAL F 113 0.49 -16.88 12.86
N SER F 114 1.07 -15.76 13.28
CA SER F 114 1.60 -15.65 14.65
C SER F 114 1.74 -14.19 15.05
N ASP G 1 -20.85 -38.58 4.81
CA ASP G 1 -19.50 -38.46 4.27
C ASP G 1 -18.83 -39.83 4.16
N ILE G 2 -17.92 -39.95 3.20
CA ILE G 2 -17.14 -41.18 3.02
C ILE G 2 -15.85 -41.05 3.82
N GLN G 3 -15.62 -41.99 4.72
CA GLN G 3 -14.43 -41.99 5.56
C GLN G 3 -13.37 -42.91 4.98
N LEU G 4 -12.11 -42.55 5.21
CA LEU G 4 -10.97 -43.34 4.74
C LEU G 4 -10.11 -43.72 5.94
N THR G 5 -9.97 -45.02 6.17
CA THR G 5 -9.13 -45.56 7.24
C THR G 5 -7.97 -46.31 6.60
N GLN G 6 -6.78 -45.72 6.66
CA GLN G 6 -5.59 -46.32 6.07
C GLN G 6 -4.98 -47.33 7.04
N SER G 7 -4.07 -48.15 6.53
CA SER G 7 -3.51 -49.21 7.37
C SER G 7 -2.35 -48.64 8.21
N PRO G 8 -1.07 -48.92 7.96
CA PRO G 8 -0.08 -48.60 9.00
C PRO G 8 0.34 -47.14 8.93
N SER G 9 0.19 -46.44 10.06
CA SER G 9 0.60 -45.04 10.11
C SER G 9 2.09 -44.89 9.89
N SER G 10 2.88 -45.88 10.33
CA SER G 10 4.32 -45.87 10.09
C SER G 10 4.74 -47.28 9.66
N LEU G 11 5.86 -47.34 8.94
CA LEU G 11 6.37 -48.62 8.46
C LEU G 11 7.88 -48.50 8.28
N ALA G 12 8.63 -49.29 9.04
CA ALA G 12 10.07 -49.33 8.91
C ALA G 12 10.46 -50.26 7.77
N MET G 13 11.31 -49.77 6.87
CA MET G 13 11.71 -50.52 5.68
C MET G 13 13.19 -50.89 5.77
N SER G 14 13.52 -52.05 5.23
CA SER G 14 14.89 -52.48 5.03
C SER G 14 15.13 -52.53 3.53
N GLY G 15 16.11 -51.76 3.05
CA GLY G 15 16.38 -51.57 1.64
C GLY G 15 16.32 -52.82 0.79
N GLY G 16 15.30 -52.91 -0.07
CA GLY G 16 15.11 -54.03 -0.96
C GLY G 16 13.89 -54.88 -0.67
N GLN G 17 13.21 -54.64 0.45
CA GLN G 17 12.06 -55.44 0.84
C GLN G 17 10.82 -54.98 0.06
N LYS G 18 9.67 -55.55 0.40
CA LYS G 18 8.39 -55.18 -0.19
C LYS G 18 7.54 -54.48 0.86
N VAL G 19 6.81 -53.45 0.45
CA VAL G 19 6.00 -52.63 1.35
C VAL G 19 4.56 -52.68 0.88
N THR G 20 3.64 -52.88 1.83
CA THR G 20 2.21 -52.96 1.54
C THR G 20 1.46 -52.01 2.46
N MET G 21 0.56 -51.21 1.89
CA MET G 21 -0.28 -50.28 2.63
C MET G 21 -1.71 -50.37 2.11
N ARG G 22 -2.68 -50.28 3.01
CA ARG G 22 -4.08 -50.52 2.69
C ARG G 22 -4.91 -49.29 3.00
N CYS G 23 -6.04 -49.16 2.29
CA CYS G 23 -6.94 -48.02 2.42
C CYS G 23 -8.37 -48.51 2.36
N LYS G 24 -9.12 -48.34 3.44
CA LYS G 24 -10.48 -48.83 3.55
C LYS G 24 -11.46 -47.67 3.61
N SER G 25 -12.50 -47.71 2.78
CA SER G 25 -13.52 -46.68 2.72
C SER G 25 -14.80 -47.16 3.38
N SER G 26 -15.57 -46.21 3.92
CA SER G 26 -16.83 -46.57 4.57
C SER G 26 -17.90 -46.97 3.57
N GLN G 27 -17.81 -46.47 2.34
CA GLN G 27 -18.77 -46.80 1.29
C GLN G 27 -18.01 -47.16 0.02
N SER G 28 -18.72 -47.82 -0.90
CA SER G 28 -18.11 -48.28 -2.14
C SER G 28 -17.73 -47.11 -3.01
N LEU G 29 -16.51 -47.14 -3.55
CA LEU G 29 -16.02 -46.10 -4.46
C LEU G 29 -16.17 -46.48 -5.92
N LEU G 30 -16.84 -47.59 -6.21
CA LEU G 30 -17.00 -48.06 -7.58
C LEU G 30 -18.17 -47.35 -8.24
N ASN G 31 -17.88 -46.62 -9.32
CA ASN G 31 -18.92 -45.91 -10.06
C ASN G 31 -19.54 -46.85 -11.09
N SER G 32 -20.86 -46.97 -11.06
CA SER G 32 -21.56 -47.89 -11.95
C SER G 32 -21.64 -47.39 -13.39
N ARG G 33 -21.27 -46.14 -13.65
CA ARG G 33 -21.39 -45.60 -15.01
C ARG G 33 -20.20 -46.00 -15.87
N ASN G 34 -19.00 -46.03 -15.30
CA ASN G 34 -17.81 -46.40 -16.05
C ASN G 34 -17.00 -47.51 -15.40
N GLU G 35 -17.48 -48.09 -14.30
CA GLU G 35 -16.83 -49.23 -13.64
C GLU G 35 -15.41 -48.88 -13.18
N ARG G 36 -15.20 -47.64 -12.76
CA ARG G 36 -13.93 -47.19 -12.21
C ARG G 36 -14.07 -46.89 -10.73
N ASN G 37 -13.06 -47.27 -9.95
CA ASN G 37 -13.04 -46.96 -8.53
C ASN G 37 -12.32 -45.63 -8.33
N TYR G 38 -13.05 -44.65 -7.80
CA TYR G 38 -12.53 -43.28 -7.68
C TYR G 38 -11.62 -43.21 -6.46
N LEU G 39 -10.41 -43.72 -6.62
CA LEU G 39 -9.38 -43.64 -5.60
C LEU G 39 -8.03 -43.42 -6.25
N ALA G 40 -7.20 -42.58 -5.62
CA ALA G 40 -5.87 -42.27 -6.15
C ALA G 40 -4.85 -42.34 -5.03
N TRP G 41 -3.63 -42.72 -5.38
CA TRP G 41 -2.53 -42.83 -4.44
C TRP G 41 -1.45 -41.79 -4.80
N TYR G 42 -0.88 -41.17 -3.77
CA TYR G 42 0.11 -40.12 -3.96
C TYR G 42 1.34 -40.39 -3.09
N GLN G 43 2.47 -39.86 -3.55
CA GLN G 43 3.71 -39.82 -2.78
C GLN G 43 4.06 -38.36 -2.52
N GLN G 44 4.36 -38.04 -1.27
CA GLN G 44 4.67 -36.66 -0.88
C GLN G 44 5.95 -36.67 -0.06
N LYS G 45 7.01 -36.07 -0.60
CA LYS G 45 8.26 -35.89 0.13
C LYS G 45 8.21 -34.61 0.94
N PRO G 46 9.03 -34.52 2.00
CA PRO G 46 9.01 -33.31 2.83
C PRO G 46 9.33 -32.06 2.03
N GLY G 47 8.47 -31.05 2.15
CA GLY G 47 8.66 -29.80 1.46
C GLY G 47 8.28 -29.79 0.01
N GLN G 48 7.68 -30.86 -0.50
CA GLN G 48 7.29 -30.96 -1.89
C GLN G 48 5.79 -31.22 -1.98
N SER G 49 5.27 -31.05 -3.19
CA SER G 49 3.86 -31.29 -3.45
C SER G 49 3.61 -32.78 -3.67
N PRO G 50 2.41 -33.26 -3.34
CA PRO G 50 2.09 -34.67 -3.60
C PRO G 50 2.15 -34.98 -5.08
N LYS G 51 2.76 -36.11 -5.41
CA LYS G 51 2.90 -36.57 -6.79
C LYS G 51 2.00 -37.79 -7.01
N LEU G 52 1.23 -37.75 -8.10
CA LEU G 52 0.28 -38.82 -8.38
C LEU G 52 1.02 -40.08 -8.83
N LEU G 53 0.87 -41.16 -8.05
CA LEU G 53 1.46 -42.45 -8.38
C LEU G 53 0.49 -43.31 -9.19
N VAL G 54 -0.68 -43.58 -8.61
CA VAL G 54 -1.69 -44.45 -9.22
C VAL G 54 -3.02 -43.72 -9.19
N TYR G 55 -3.72 -43.71 -10.33
CA TYR G 55 -5.05 -43.12 -10.41
C TYR G 55 -6.05 -44.17 -10.89
N PHE G 56 -7.32 -43.93 -10.59
CA PHE G 56 -8.41 -44.87 -10.88
C PHE G 56 -8.09 -46.25 -10.30
N ALA G 57 -7.91 -46.27 -8.98
CA ALA G 57 -7.66 -47.48 -8.20
C ALA G 57 -6.33 -48.14 -8.53
N SER G 58 -6.13 -48.56 -9.78
CA SER G 58 -4.97 -49.39 -10.07
C SER G 58 -4.30 -49.08 -11.42
N ILE G 59 -4.45 -47.88 -11.95
CA ILE G 59 -3.78 -47.50 -13.20
C ILE G 59 -2.59 -46.60 -12.85
N ARG G 60 -1.40 -47.03 -13.26
CA ARG G 60 -0.18 -46.30 -12.96
C ARG G 60 -0.10 -45.01 -13.77
N GLU G 61 0.29 -43.93 -13.10
CA GLU G 61 0.48 -42.66 -13.80
C GLU G 61 1.77 -42.70 -14.62
N SER G 62 1.75 -41.99 -15.74
CA SER G 62 2.89 -41.96 -16.64
C SER G 62 4.14 -41.47 -15.93
N GLY G 63 5.25 -42.19 -16.13
CA GLY G 63 6.51 -41.87 -15.51
C GLY G 63 6.78 -42.57 -14.20
N VAL G 64 5.76 -43.14 -13.57
CA VAL G 64 5.94 -43.79 -12.27
C VAL G 64 6.64 -45.15 -12.49
N PRO G 65 7.64 -45.50 -11.69
CA PRO G 65 8.27 -46.81 -11.85
C PRO G 65 7.27 -47.94 -11.67
N ASP G 66 7.55 -49.06 -12.33
CA ASP G 66 6.63 -50.19 -12.35
C ASP G 66 6.57 -50.94 -11.02
N ARG G 67 7.39 -50.56 -10.02
CA ARG G 67 7.32 -51.21 -8.72
C ARG G 67 6.13 -50.73 -7.90
N PHE G 68 5.51 -49.61 -8.27
CA PHE G 68 4.31 -49.12 -7.60
C PHE G 68 3.10 -49.80 -8.22
N ILE G 69 2.44 -50.67 -7.45
CA ILE G 69 1.31 -51.46 -7.95
C ILE G 69 0.13 -51.23 -7.03
N GLY G 70 -0.93 -50.63 -7.56
CA GLY G 70 -2.17 -50.50 -6.84
C GLY G 70 -3.13 -51.62 -7.17
N SER G 71 -4.04 -51.91 -6.24
CA SER G 71 -5.00 -52.98 -6.44
C SER G 71 -6.18 -52.76 -5.50
N GLY G 72 -7.21 -53.56 -5.68
CA GLY G 72 -8.41 -53.51 -4.87
C GLY G 72 -9.60 -52.98 -5.65
N SER G 73 -10.78 -53.21 -5.06
CA SER G 73 -12.03 -52.77 -5.67
C SER G 73 -13.09 -52.66 -4.58
N GLY G 74 -14.08 -51.83 -4.86
CA GLY G 74 -15.17 -51.63 -3.92
C GLY G 74 -14.81 -50.72 -2.76
N THR G 75 -14.40 -51.33 -1.64
CA THR G 75 -14.04 -50.58 -0.44
C THR G 75 -12.63 -50.84 0.05
N ASP G 76 -11.99 -51.94 -0.34
CA ASP G 76 -10.67 -52.31 0.12
C ASP G 76 -9.67 -52.09 -1.02
N PHE G 77 -8.66 -51.26 -0.77
CA PHE G 77 -7.64 -50.95 -1.77
C PHE G 77 -6.26 -51.10 -1.14
N THR G 78 -5.27 -51.35 -1.98
CA THR G 78 -3.91 -51.62 -1.49
C THR G 78 -2.90 -51.08 -2.48
N LEU G 79 -1.92 -50.32 -1.97
CA LEU G 79 -0.78 -49.86 -2.76
C LEU G 79 0.44 -50.65 -2.33
N THR G 80 1.10 -51.29 -3.29
CA THR G 80 2.21 -52.19 -3.02
C THR G 80 3.46 -51.72 -3.75
N ILE G 81 4.59 -51.74 -3.05
CA ILE G 81 5.89 -51.43 -3.61
C ILE G 81 6.69 -52.72 -3.61
N SER G 82 6.84 -53.35 -4.78
CA SER G 82 7.43 -54.68 -4.87
C SER G 82 8.86 -54.69 -4.34
N SER G 83 9.67 -53.70 -4.73
CA SER G 83 11.06 -53.59 -4.29
C SER G 83 11.29 -52.13 -3.89
N VAL G 84 11.12 -51.85 -2.59
CA VAL G 84 11.25 -50.47 -2.12
C VAL G 84 12.69 -50.01 -2.30
N GLN G 85 12.84 -48.77 -2.75
CA GLN G 85 14.14 -48.19 -3.06
C GLN G 85 14.45 -47.07 -2.06
N ALA G 86 15.65 -46.51 -2.20
CA ALA G 86 16.06 -45.44 -1.29
C ALA G 86 15.36 -44.13 -1.59
N GLU G 87 14.96 -43.91 -2.84
CA GLU G 87 14.26 -42.68 -3.21
C GLU G 87 12.77 -42.71 -2.86
N ASP G 88 12.27 -43.82 -2.34
CA ASP G 88 10.86 -43.95 -1.97
C ASP G 88 10.59 -43.57 -0.53
N LEU G 89 11.57 -43.01 0.17
CA LEU G 89 11.40 -42.58 1.57
C LEU G 89 10.59 -41.29 1.58
N ALA G 90 9.27 -41.42 1.75
CA ALA G 90 8.37 -40.27 1.74
C ALA G 90 7.06 -40.67 2.39
N ASP G 91 6.07 -39.79 2.33
CA ASP G 91 4.74 -40.04 2.87
C ASP G 91 3.80 -40.50 1.75
N TYR G 92 2.91 -41.41 2.09
CA TYR G 92 1.96 -41.96 1.12
C TYR G 92 0.55 -41.91 1.69
N PHE G 93 -0.42 -41.59 0.83
CA PHE G 93 -1.80 -41.53 1.28
C PHE G 93 -2.72 -41.81 0.10
N CYS G 94 -3.93 -42.24 0.43
CA CYS G 94 -4.98 -42.51 -0.53
C CYS G 94 -5.99 -41.37 -0.53
N LEU G 95 -6.66 -41.18 -1.67
CA LEU G 95 -7.68 -40.14 -1.82
C LEU G 95 -8.90 -40.72 -2.52
N GLN G 96 -10.07 -40.48 -1.94
CA GLN G 96 -11.35 -40.81 -2.57
C GLN G 96 -11.91 -39.54 -3.19
N HIS G 97 -12.36 -39.65 -4.44
CA HIS G 97 -12.91 -38.52 -5.19
C HIS G 97 -14.22 -38.93 -5.84
N TYR G 98 -15.10 -39.55 -5.06
CA TYR G 98 -16.35 -40.08 -5.56
C TYR G 98 -17.58 -39.30 -5.07
N ASN G 99 -17.47 -38.58 -3.95
CA ASN G 99 -18.62 -37.87 -3.40
C ASN G 99 -18.16 -36.61 -2.68
N THR G 100 -18.89 -35.50 -2.91
CA THR G 100 -18.54 -34.11 -2.63
C THR G 100 -17.49 -33.95 -1.51
N PRO G 101 -17.77 -34.35 -0.23
CA PRO G 101 -16.73 -34.15 0.79
C PRO G 101 -15.57 -35.13 0.62
N TRP G 102 -14.70 -34.85 -0.36
CA TRP G 102 -13.55 -35.70 -0.61
C TRP G 102 -12.74 -35.92 0.65
N THR G 103 -12.22 -37.13 0.83
CA THR G 103 -11.50 -37.46 2.05
C THR G 103 -10.18 -38.13 1.71
N PHE G 104 -9.19 -37.89 2.56
CA PHE G 104 -7.86 -38.43 2.43
C PHE G 104 -7.58 -39.44 3.53
N GLY G 105 -6.62 -40.33 3.27
CA GLY G 105 -6.19 -41.27 4.27
C GLY G 105 -5.33 -40.62 5.33
N GLY G 106 -5.06 -41.40 6.39
CA GLY G 106 -4.26 -40.89 7.49
C GLY G 106 -2.80 -40.63 7.14
N GLY G 107 -2.29 -41.29 6.12
CA GLY G 107 -0.90 -41.12 5.74
C GLY G 107 -0.04 -42.27 6.20
N THR G 108 0.98 -42.58 5.40
CA THR G 108 1.90 -43.68 5.68
C THR G 108 3.34 -43.16 5.54
N LYS G 109 4.06 -43.11 6.66
CA LYS G 109 5.43 -42.61 6.66
C LYS G 109 6.40 -43.77 6.46
N LEU G 110 7.18 -43.70 5.38
CA LEU G 110 8.17 -44.73 5.06
C LEU G 110 9.54 -44.27 5.54
N GLU G 111 10.18 -45.07 6.38
CA GLU G 111 11.50 -44.75 6.91
C GLU G 111 12.23 -46.05 7.20
N ILE G 112 13.54 -45.94 7.41
CA ILE G 112 14.37 -47.10 7.68
C ILE G 112 14.30 -47.48 9.17
N LYS H 24 40.56 17.33 -26.23
CA LYS H 24 41.10 18.38 -25.38
C LYS H 24 39.99 19.26 -24.84
N ASP H 25 38.79 19.12 -25.40
CA ASP H 25 37.61 19.80 -24.88
C ASP H 25 36.95 18.99 -23.78
N GLN H 26 36.96 17.65 -23.91
CA GLN H 26 36.37 16.80 -22.89
C GLN H 26 37.12 16.91 -21.57
N GLN H 27 38.44 17.07 -21.63
CA GLN H 27 39.22 17.23 -20.40
C GLN H 27 38.87 18.52 -19.67
N SER H 28 38.45 19.55 -20.42
CA SER H 28 37.98 20.78 -19.79
C SER H 28 36.69 20.53 -19.02
N ALA H 29 35.77 19.76 -19.60
CA ALA H 29 34.55 19.40 -18.90
C ALA H 29 34.85 18.54 -17.68
N PHE H 30 35.84 17.65 -17.80
CA PHE H 30 36.29 16.88 -16.65
C PHE H 30 36.78 17.81 -15.53
N TYR H 31 37.49 18.88 -15.90
CA TYR H 31 37.97 19.82 -14.90
C TYR H 31 36.81 20.58 -14.25
N GLU H 32 35.84 21.01 -15.05
CA GLU H 32 34.75 21.83 -14.50
C GLU H 32 33.84 20.99 -13.60
N ILE H 33 33.47 19.79 -14.04
CA ILE H 33 32.58 18.96 -13.25
C ILE H 33 33.27 18.46 -11.99
N LEU H 34 34.56 18.10 -12.11
CA LEU H 34 35.30 17.67 -10.94
C LEU H 34 35.49 18.81 -9.93
N ASN H 35 35.50 20.05 -10.40
CA ASN H 35 35.70 21.21 -9.53
C ASN H 35 34.42 22.00 -9.30
N MET H 36 33.27 21.37 -9.50
CA MET H 36 32.01 22.03 -9.17
C MET H 36 31.95 22.24 -7.66
N PRO H 37 31.61 23.43 -7.18
CA PRO H 37 31.78 23.75 -5.75
C PRO H 37 30.91 22.94 -4.80
N ASN H 38 29.61 22.84 -5.08
CA ASN H 38 28.67 22.22 -4.15
C ASN H 38 27.79 21.19 -4.85
N LEU H 39 28.39 20.36 -5.70
CA LEU H 39 27.64 19.31 -6.35
C LEU H 39 27.50 18.09 -5.45
N ASN H 40 26.40 17.38 -5.62
CA ASN H 40 26.19 16.12 -4.92
C ASN H 40 27.28 15.14 -5.32
N GLU H 41 27.92 14.51 -4.33
CA GLU H 41 29.06 13.65 -4.61
C GLU H 41 28.65 12.43 -5.43
N ALA H 42 27.46 11.88 -5.15
CA ALA H 42 26.97 10.77 -5.97
C ALA H 42 26.64 11.24 -7.38
N GLN H 43 26.05 12.42 -7.52
CA GLN H 43 25.77 12.96 -8.84
C GLN H 43 27.05 13.37 -9.55
N ARG H 44 28.06 13.81 -8.81
CA ARG H 44 29.34 14.16 -9.43
C ARG H 44 30.02 12.93 -10.00
N ASN H 45 30.03 11.83 -9.24
CA ASN H 45 30.58 10.58 -9.76
C ASN H 45 29.83 10.11 -10.99
N GLY H 46 28.53 10.38 -11.06
CA GLY H 46 27.76 9.99 -12.23
C GLY H 46 28.08 10.83 -13.45
N PHE H 47 28.30 12.13 -13.25
CA PHE H 47 28.72 12.98 -14.37
C PHE H 47 30.09 12.59 -14.87
N ILE H 48 31.03 12.29 -13.96
CA ILE H 48 32.37 11.91 -14.36
C ILE H 48 32.36 10.53 -15.00
N GLN H 49 31.59 9.59 -14.45
CA GLN H 49 31.51 8.25 -15.02
C GLN H 49 30.86 8.28 -16.40
N SER H 50 29.88 9.16 -16.61
CA SER H 50 29.33 9.33 -17.94
C SER H 50 30.35 9.95 -18.89
N LEU H 51 31.26 10.79 -18.37
CA LEU H 51 32.34 11.32 -19.19
C LEU H 51 33.41 10.28 -19.48
N LYS H 52 33.48 9.22 -18.67
CA LYS H 52 34.41 8.12 -18.91
C LYS H 52 33.86 7.09 -19.89
N ASP H 53 32.59 6.74 -19.75
CA ASP H 53 31.99 5.74 -20.64
C ASP H 53 31.96 6.25 -22.07
N ASP H 54 31.50 7.49 -22.26
CA ASP H 54 31.49 8.13 -23.57
C ASP H 54 32.12 9.52 -23.42
N PRO H 55 33.36 9.69 -23.89
CA PRO H 55 33.96 11.04 -23.87
C PRO H 55 33.20 12.05 -24.71
N SER H 56 32.37 11.59 -25.65
CA SER H 56 31.44 12.47 -26.33
C SER H 56 30.33 12.90 -25.37
N GLN H 57 29.37 13.67 -25.90
CA GLN H 57 28.31 14.25 -25.08
C GLN H 57 28.88 15.07 -23.92
N SER H 58 30.05 15.67 -24.15
CA SER H 58 30.69 16.46 -23.10
C SER H 58 29.88 17.70 -22.78
N THR H 59 29.19 18.26 -23.77
CA THR H 59 28.33 19.41 -23.53
C THR H 59 27.04 19.02 -22.82
N ASN H 60 26.54 17.81 -23.06
CA ASN H 60 25.30 17.38 -22.43
C ASN H 60 25.49 17.18 -20.94
N VAL H 61 26.60 16.58 -20.53
CA VAL H 61 26.84 16.32 -19.11
C VAL H 61 27.13 17.64 -18.38
N LEU H 62 27.90 18.53 -19.00
CA LEU H 62 28.10 19.85 -18.42
C LEU H 62 26.78 20.60 -18.32
N LEU H 63 25.86 20.37 -19.24
CA LEU H 63 24.56 21.01 -19.16
C LEU H 63 23.75 20.49 -17.98
N GLU H 64 23.80 19.18 -17.74
CA GLU H 64 23.15 18.63 -16.57
C GLU H 64 23.76 19.18 -15.29
N ALA H 65 25.09 19.30 -15.25
CA ALA H 65 25.75 19.80 -14.05
C ALA H 65 25.36 21.24 -13.76
N ASP H 66 25.37 22.10 -14.79
CA ASP H 66 24.94 23.48 -14.61
C ASP H 66 23.46 23.59 -14.30
N LYS H 67 22.65 22.68 -14.85
CA LYS H 67 21.21 22.70 -14.60
C LYS H 67 20.91 22.46 -13.12
N TRP H 68 21.48 21.42 -12.55
CA TRP H 68 21.18 21.07 -11.16
C TRP H 68 21.93 21.96 -10.17
N ALA H 69 23.11 22.48 -10.55
CA ALA H 69 23.81 23.41 -9.68
C ALA H 69 23.04 24.72 -9.51
N SER H 70 22.31 25.14 -10.56
CA SER H 70 21.50 26.33 -10.45
C SER H 70 20.29 26.13 -9.55
N LEU H 71 19.88 24.88 -9.33
CA LEU H 71 18.79 24.56 -8.42
C LEU H 71 19.28 24.19 -7.02
N GLN H 72 20.59 24.12 -6.82
CA GLN H 72 21.15 23.70 -5.54
C GLN H 72 20.81 24.70 -4.45
N ASN H 73 20.69 24.20 -3.22
CA ASN H 73 20.45 25.05 -2.07
C ASN H 73 21.60 26.02 -1.84
N LYS I 24 -15.73 -56.41 -31.57
CA LYS I 24 -17.00 -56.17 -30.90
C LYS I 24 -16.79 -55.58 -29.51
N ASP I 25 -15.53 -55.55 -29.06
CA ASP I 25 -15.19 -54.99 -27.77
C ASP I 25 -14.87 -53.51 -27.83
N GLN I 26 -14.54 -52.98 -29.01
CA GLN I 26 -14.21 -51.57 -29.17
C GLN I 26 -15.37 -50.74 -29.67
N GLN I 27 -16.36 -51.36 -30.32
CA GLN I 27 -17.54 -50.61 -30.74
C GLN I 27 -18.34 -50.13 -29.53
N SER I 28 -18.21 -50.80 -28.40
CA SER I 28 -18.81 -50.31 -27.16
C SER I 28 -18.08 -49.06 -26.67
N ALA I 29 -16.75 -49.04 -26.80
CA ALA I 29 -16.00 -47.83 -26.47
C ALA I 29 -16.37 -46.67 -27.39
N PHE I 30 -16.67 -46.97 -28.66
CA PHE I 30 -17.20 -45.93 -29.53
C PHE I 30 -18.54 -45.42 -29.00
N TYR I 31 -19.39 -46.31 -28.52
CA TYR I 31 -20.68 -45.90 -27.97
C TYR I 31 -20.50 -45.03 -26.73
N GLU I 32 -19.49 -45.32 -25.91
CA GLU I 32 -19.32 -44.59 -24.66
C GLU I 32 -18.76 -43.19 -24.92
N ILE I 33 -17.67 -43.09 -25.68
CA ILE I 33 -17.05 -41.79 -25.91
C ILE I 33 -17.92 -40.92 -26.81
N LEU I 34 -18.61 -41.51 -27.78
CA LEU I 34 -19.53 -40.74 -28.60
C LEU I 34 -20.73 -40.25 -27.81
N ASN I 35 -21.16 -41.02 -26.80
CA ASN I 35 -22.29 -40.65 -25.96
C ASN I 35 -21.85 -40.18 -24.57
N MET I 36 -20.60 -39.74 -24.44
CA MET I 36 -20.14 -39.19 -23.16
C MET I 36 -20.90 -37.89 -22.88
N PRO I 37 -21.47 -37.73 -21.68
CA PRO I 37 -22.40 -36.61 -21.45
C PRO I 37 -21.75 -35.24 -21.30
N ASN I 38 -20.44 -35.16 -21.12
CA ASN I 38 -19.84 -33.86 -20.81
C ASN I 38 -18.49 -33.63 -21.48
N LEU I 39 -18.03 -34.54 -22.33
CA LEU I 39 -16.70 -34.43 -22.91
C LEU I 39 -16.56 -33.15 -23.74
N ASN I 40 -15.36 -32.57 -23.70
CA ASN I 40 -15.05 -31.42 -24.51
C ASN I 40 -15.18 -31.78 -25.99
N GLU I 41 -15.77 -30.86 -26.76
CA GLU I 41 -16.06 -31.16 -28.17
C GLU I 41 -14.77 -31.42 -28.95
N ALA I 42 -13.76 -30.57 -28.75
CA ALA I 42 -12.47 -30.80 -29.42
C ALA I 42 -11.78 -32.03 -28.84
N GLN I 43 -11.94 -32.27 -27.53
CA GLN I 43 -11.32 -33.45 -26.93
C GLN I 43 -12.09 -34.72 -27.28
N ARG I 44 -13.41 -34.62 -27.48
CA ARG I 44 -14.17 -35.79 -27.90
C ARG I 44 -13.81 -36.19 -29.33
N ASN I 45 -13.73 -35.21 -30.23
CA ASN I 45 -13.30 -35.52 -31.59
C ASN I 45 -11.88 -36.06 -31.62
N GLY I 46 -11.03 -35.58 -30.71
CA GLY I 46 -9.69 -36.13 -30.61
C GLY I 46 -9.68 -37.53 -30.01
N PHE I 47 -10.56 -37.78 -29.05
CA PHE I 47 -10.68 -39.13 -28.49
C PHE I 47 -11.24 -40.10 -29.51
N ILE I 48 -12.24 -39.67 -30.29
CA ILE I 48 -12.77 -40.51 -31.36
C ILE I 48 -11.70 -40.78 -32.40
N GLN I 49 -10.93 -39.74 -32.76
CA GLN I 49 -9.86 -39.92 -33.73
C GLN I 49 -8.76 -40.83 -33.18
N SER I 50 -8.45 -40.70 -31.89
CA SER I 50 -7.51 -41.63 -31.28
C SER I 50 -8.13 -43.01 -31.09
N LEU I 51 -9.45 -43.08 -30.86
CA LEU I 51 -10.15 -44.35 -30.90
C LEU I 51 -10.11 -44.99 -32.29
N LYS I 52 -9.67 -44.25 -33.31
CA LYS I 52 -9.44 -44.81 -34.62
C LYS I 52 -7.98 -45.13 -34.87
N ASP I 53 -7.06 -44.33 -34.33
CA ASP I 53 -5.66 -44.41 -34.75
C ASP I 53 -4.98 -45.66 -34.22
N ASP I 54 -5.01 -45.87 -32.91
CA ASP I 54 -4.38 -47.04 -32.28
C ASP I 54 -5.35 -47.69 -31.30
N PRO I 55 -6.39 -48.36 -31.81
CA PRO I 55 -7.23 -49.18 -30.92
C PRO I 55 -6.63 -50.54 -30.64
N SER I 56 -5.39 -50.79 -31.07
CA SER I 56 -4.69 -52.01 -30.69
C SER I 56 -4.68 -52.17 -29.18
N GLN I 57 -4.66 -51.05 -28.45
CA GLN I 57 -4.97 -50.98 -27.02
C GLN I 57 -6.15 -50.01 -26.89
N SER I 58 -7.34 -50.49 -27.27
CA SER I 58 -8.52 -49.63 -27.28
C SER I 58 -8.87 -49.10 -25.90
N THR I 59 -8.42 -49.78 -24.83
CA THR I 59 -8.70 -49.31 -23.48
C THR I 59 -7.98 -48.00 -23.17
N ASN I 60 -6.90 -47.68 -23.90
CA ASN I 60 -6.12 -46.50 -23.58
C ASN I 60 -6.92 -45.23 -23.82
N VAL I 61 -7.64 -45.14 -24.93
CA VAL I 61 -8.37 -43.92 -25.25
C VAL I 61 -9.60 -43.79 -24.35
N LEU I 62 -10.31 -44.90 -24.13
CA LEU I 62 -11.42 -44.87 -23.18
C LEU I 62 -10.94 -44.56 -21.76
N LEU I 63 -9.71 -44.94 -21.44
CA LEU I 63 -9.13 -44.58 -20.15
C LEU I 63 -8.87 -43.08 -20.06
N GLU I 64 -8.41 -42.48 -21.16
CA GLU I 64 -8.21 -41.04 -21.19
C GLU I 64 -9.54 -40.29 -21.06
N ALA I 65 -10.57 -40.78 -21.73
CA ALA I 65 -11.88 -40.13 -21.67
C ALA I 65 -12.42 -40.16 -20.24
N ASP I 66 -12.37 -41.32 -19.59
CA ASP I 66 -12.82 -41.42 -18.20
C ASP I 66 -11.93 -40.60 -17.27
N LYS I 67 -10.63 -40.53 -17.59
CA LYS I 67 -9.69 -39.80 -16.74
C LYS I 67 -10.03 -38.31 -16.70
N TRP I 68 -10.25 -37.70 -17.87
CA TRP I 68 -10.53 -36.28 -17.92
C TRP I 68 -11.98 -35.97 -17.54
N ALA I 69 -12.90 -36.90 -17.82
CA ALA I 69 -14.30 -36.67 -17.44
C ALA I 69 -14.47 -36.64 -15.92
N SER I 70 -13.63 -37.37 -15.20
CA SER I 70 -13.70 -37.36 -13.74
C SER I 70 -13.16 -36.06 -13.15
N LEU I 71 -12.40 -35.30 -13.91
CA LEU I 71 -11.85 -34.02 -13.45
C LEU I 71 -12.70 -32.83 -13.86
N GLN I 72 -13.70 -33.03 -14.71
CA GLN I 72 -14.50 -31.91 -15.22
C GLN I 72 -15.34 -31.30 -14.10
N ASN I 73 -16.14 -30.31 -14.48
CA ASN I 73 -17.01 -29.55 -13.57
C ASN I 73 -17.69 -30.42 -12.50
N GLN J 3 -10.81 17.69 15.44
CA GLN J 3 -11.51 18.60 14.54
C GLN J 3 -12.67 19.30 15.25
N ILE J 4 -13.61 18.52 15.75
CA ILE J 4 -14.77 19.06 16.45
C ILE J 4 -14.36 19.45 17.85
N GLN J 5 -14.59 20.72 18.22
CA GLN J 5 -14.20 21.22 19.53
C GLN J 5 -15.24 22.22 20.02
N LEU J 6 -15.59 22.09 21.30
CA LEU J 6 -16.50 23.01 21.98
C LEU J 6 -15.75 23.69 23.12
N VAL J 7 -15.79 25.02 23.14
CA VAL J 7 -15.09 25.82 24.15
C VAL J 7 -16.12 26.53 25.01
N GLN J 8 -16.03 26.34 26.32
CA GLN J 8 -16.94 26.95 27.27
C GLN J 8 -16.26 28.11 27.99
N SER J 9 -17.07 28.93 28.66
CA SER J 9 -16.57 30.07 29.39
C SER J 9 -15.82 29.61 30.65
N GLY J 10 -15.14 30.57 31.28
CA GLY J 10 -14.35 30.27 32.45
C GLY J 10 -15.19 30.13 33.70
N PRO J 11 -14.51 29.86 34.81
CA PRO J 11 -15.23 29.67 36.08
C PRO J 11 -15.93 30.94 36.52
N GLU J 12 -16.97 30.76 37.34
CA GLU J 12 -17.84 31.85 37.78
C GLU J 12 -17.96 31.81 39.30
N LEU J 13 -17.81 32.97 39.92
CA LEU J 13 -18.02 33.15 41.35
C LEU J 13 -19.13 34.17 41.53
N LYS J 14 -20.26 33.73 42.12
CA LYS J 14 -21.43 34.57 42.26
C LYS J 14 -21.98 34.48 43.68
N LYS J 15 -22.58 35.59 44.14
CA LYS J 15 -23.30 35.63 45.40
C LYS J 15 -24.77 35.30 45.18
N PRO J 16 -25.45 34.73 46.17
CA PRO J 16 -26.83 34.29 45.97
C PRO J 16 -27.75 35.43 45.54
N GLY J 17 -28.63 35.13 44.59
CA GLY J 17 -29.58 36.08 44.08
C GLY J 17 -29.20 36.74 42.76
N GLU J 18 -27.96 36.58 42.32
CA GLU J 18 -27.48 37.26 41.12
C GLU J 18 -27.78 36.41 39.88
N THR J 19 -27.30 36.86 38.73
CA THR J 19 -27.52 36.18 37.45
C THR J 19 -26.18 35.87 36.81
N VAL J 20 -26.06 34.66 36.26
CA VAL J 20 -24.84 34.21 35.59
C VAL J 20 -25.18 33.76 34.17
N LYS J 21 -24.24 33.96 33.26
CA LYS J 21 -24.41 33.57 31.87
C LYS J 21 -23.19 32.77 31.42
N ILE J 22 -23.44 31.59 30.88
CA ILE J 22 -22.39 30.66 30.47
C ILE J 22 -22.45 30.48 28.96
N SER J 23 -21.31 30.65 28.29
CA SER J 23 -21.22 30.57 26.84
C SER J 23 -20.59 29.25 26.42
N CYS J 24 -20.77 28.91 25.14
CA CYS J 24 -20.29 27.64 24.59
C CYS J 24 -20.07 27.83 23.10
N LYS J 25 -18.81 28.06 22.70
CA LYS J 25 -18.48 28.31 21.31
C LYS J 25 -18.14 27.01 20.60
N ALA J 26 -18.67 26.85 19.38
CA ALA J 26 -18.54 25.62 18.62
C ALA J 26 -17.73 25.85 17.35
N SER J 27 -17.18 24.76 16.82
CA SER J 27 -16.40 24.79 15.60
C SER J 27 -16.17 23.37 15.12
N GLY J 28 -16.05 23.22 13.80
CA GLY J 28 -15.74 21.93 13.20
C GLY J 28 -16.91 21.20 12.60
N TYR J 29 -18.10 21.80 12.57
CA TYR J 29 -19.28 21.15 12.04
C TYR J 29 -20.33 22.21 11.73
N THR J 30 -21.39 21.79 11.05
CA THR J 30 -22.51 22.68 10.74
C THR J 30 -23.27 22.98 12.01
N PHE J 31 -23.11 24.20 12.54
CA PHE J 31 -23.63 24.54 13.85
C PHE J 31 -25.16 24.52 13.87
N THR J 32 -25.79 25.00 12.81
CA THR J 32 -27.24 25.21 12.80
C THR J 32 -28.03 23.94 12.55
N ASP J 33 -27.38 22.80 12.32
CA ASP J 33 -28.09 21.58 11.97
C ASP J 33 -28.24 20.59 13.11
N TYR J 34 -27.44 20.70 14.16
CA TYR J 34 -27.43 19.71 15.24
C TYR J 34 -27.63 20.41 16.57
N SER J 35 -28.51 19.85 17.40
CA SER J 35 -28.90 20.49 18.65
C SER J 35 -27.76 20.48 19.65
N VAL J 36 -27.84 21.39 20.61
CA VAL J 36 -26.87 21.51 21.70
C VAL J 36 -27.60 21.28 23.02
N HIS J 37 -27.09 20.36 23.83
CA HIS J 37 -27.71 20.00 25.10
C HIS J 37 -26.86 20.50 26.26
N TRP J 38 -27.50 20.73 27.40
CA TRP J 38 -26.85 21.23 28.60
C TRP J 38 -26.98 20.21 29.73
N VAL J 39 -25.90 20.01 30.46
CA VAL J 39 -25.84 19.03 31.53
C VAL J 39 -25.24 19.68 32.77
N LYS J 40 -25.78 19.35 33.94
CA LYS J 40 -25.35 19.90 35.22
C LYS J 40 -24.81 18.77 36.09
N GLN J 41 -23.60 18.96 36.62
CA GLN J 41 -22.95 17.96 37.47
C GLN J 41 -22.55 18.62 38.80
N VAL J 42 -23.31 18.29 39.84
CA VAL J 42 -22.92 18.70 41.20
C VAL J 42 -21.69 17.90 41.62
N PRO J 43 -20.62 18.54 42.13
CA PRO J 43 -19.39 17.84 42.49
C PRO J 43 -19.59 16.80 43.60
N GLY J 46 -23.84 12.73 40.29
CA GLY J 46 -24.29 12.24 39.01
C GLY J 46 -24.59 13.34 38.01
N LEU J 47 -24.83 12.94 36.75
CA LEU J 47 -25.12 13.90 35.69
C LEU J 47 -26.63 14.08 35.56
N LYS J 48 -27.07 15.34 35.53
CA LYS J 48 -28.47 15.68 35.37
C LYS J 48 -28.64 16.46 34.08
N TRP J 49 -29.49 15.95 33.19
CA TRP J 49 -29.73 16.59 31.90
C TRP J 49 -30.65 17.79 32.10
N MET J 50 -30.20 18.96 31.65
CA MET J 50 -30.94 20.20 31.83
C MET J 50 -31.91 20.49 30.69
N GLY J 51 -31.49 20.27 29.45
CA GLY J 51 -32.33 20.59 28.31
C GLY J 51 -31.47 20.74 27.07
N TRP J 52 -32.09 21.28 26.03
CA TRP J 52 -31.41 21.49 24.76
C TRP J 52 -31.88 22.81 24.14
N ILE J 53 -31.21 23.20 23.07
CA ILE J 53 -31.59 24.36 22.27
C ILE J 53 -31.65 23.92 20.81
N ASN J 54 -32.73 24.29 20.13
CA ASN J 54 -32.80 24.08 18.69
C ASN J 54 -31.92 25.10 17.99
N THR J 55 -30.92 24.62 17.25
CA THR J 55 -29.96 25.54 16.65
C THR J 55 -30.58 26.30 15.47
N GLU J 56 -31.49 25.66 14.73
CA GLU J 56 -32.09 26.32 13.57
C GLU J 56 -33.15 27.33 13.99
N THR J 57 -34.07 26.93 14.87
CA THR J 57 -35.20 27.77 15.22
C THR J 57 -34.96 28.60 16.48
N GLY J 58 -34.08 28.14 17.37
CA GLY J 58 -33.83 28.84 18.61
C GLY J 58 -34.79 28.52 19.74
N GLU J 59 -35.68 27.55 19.56
CA GLU J 59 -36.67 27.22 20.58
C GLU J 59 -36.03 26.36 21.66
N PRO J 60 -36.03 26.78 22.93
CA PRO J 60 -35.51 25.93 24.00
C PRO J 60 -36.60 25.11 24.66
N THR J 61 -36.21 23.90 25.08
CA THR J 61 -37.08 23.01 25.85
C THR J 61 -36.32 22.57 27.09
N TYR J 62 -36.90 22.83 28.26
CA TYR J 62 -36.24 22.61 29.52
C TYR J 62 -36.82 21.39 30.23
N ALA J 63 -35.97 20.73 31.02
CA ALA J 63 -36.42 19.59 31.80
C ALA J 63 -37.37 20.05 32.90
N ASP J 64 -38.03 19.07 33.54
CA ASP J 64 -39.02 19.39 34.56
C ASP J 64 -38.39 20.13 35.74
N ASP J 65 -37.16 19.77 36.10
CA ASP J 65 -36.48 20.37 37.23
C ASP J 65 -35.73 21.64 36.89
N PHE J 66 -35.86 22.13 35.66
CA PHE J 66 -35.11 23.30 35.21
C PHE J 66 -35.98 24.21 34.37
N LYS J 67 -37.25 24.33 34.73
CA LYS J 67 -38.20 25.12 33.94
C LYS J 67 -38.30 26.57 34.41
N GLY J 68 -37.88 26.88 35.62
CA GLY J 68 -38.12 28.20 36.18
C GLY J 68 -37.04 29.23 35.91
N ARG J 69 -35.88 29.06 36.55
CA ARG J 69 -34.85 30.10 36.58
C ARG J 69 -33.80 29.94 35.49
N PHE J 70 -33.98 29.00 34.56
CA PHE J 70 -32.99 28.70 33.54
C PHE J 70 -33.49 29.14 32.17
N ALA J 71 -32.57 29.66 31.35
CA ALA J 71 -32.92 30.20 30.04
C ALA J 71 -31.81 29.87 29.05
N PHE J 72 -32.17 29.28 27.92
CA PHE J 72 -31.24 29.00 26.84
C PHE J 72 -31.39 30.04 25.75
N SER J 73 -30.27 30.43 25.15
CA SER J 73 -30.26 31.40 24.06
C SER J 73 -29.09 31.08 23.13
N LEU J 74 -29.13 31.69 21.94
CA LEU J 74 -28.14 31.41 20.91
C LEU J 74 -27.69 32.70 20.25
N GLU J 75 -26.49 32.64 19.65
CA GLU J 75 -26.00 33.67 18.72
C GLU J 75 -25.54 32.90 17.48
N SER J 76 -26.49 32.60 16.59
CA SER J 76 -26.20 31.70 15.47
C SER J 76 -25.17 32.29 14.50
N SER J 77 -24.90 33.59 14.59
CA SER J 77 -23.88 34.20 13.75
C SER J 77 -22.46 33.87 14.20
N ALA J 78 -22.28 33.52 15.46
CA ALA J 78 -20.96 33.18 16.00
C ALA J 78 -20.88 31.73 16.46
N SER J 79 -21.91 30.93 16.24
CA SER J 79 -21.94 29.51 16.62
C SER J 79 -21.70 29.36 18.12
N THR J 80 -22.42 30.14 18.91
CA THR J 80 -22.25 30.17 20.36
C THR J 80 -23.58 29.95 21.05
N ALA J 81 -23.62 29.00 21.98
CA ALA J 81 -24.80 28.75 22.80
C ALA J 81 -24.62 29.37 24.18
N TYR J 82 -25.74 29.75 24.80
CA TYR J 82 -25.70 30.44 26.08
C TYR J 82 -26.62 29.75 27.08
N LEU J 83 -26.26 29.88 28.36
CA LEU J 83 -27.06 29.37 29.47
C LEU J 83 -27.12 30.43 30.55
N GLU J 84 -28.31 30.92 30.84
CA GLU J 84 -28.53 31.96 31.84
C GLU J 84 -29.28 31.38 33.03
N ILE J 85 -28.79 31.67 34.24
CA ILE J 85 -29.41 31.21 35.48
C ILE J 85 -29.71 32.42 36.35
N HIS J 86 -30.97 32.56 36.75
CA HIS J 86 -31.41 33.66 37.58
C HIS J 86 -31.68 33.18 39.00
N ASN J 87 -31.56 34.10 39.95
CA ASN J 87 -31.78 33.83 41.37
C ASN J 87 -30.94 32.64 41.83
N LEU J 88 -29.63 32.83 41.79
CA LEU J 88 -28.69 31.78 42.11
C LEU J 88 -28.76 31.40 43.58
N THR J 89 -28.70 30.10 43.86
CA THR J 89 -28.70 29.56 45.22
C THR J 89 -27.51 28.63 45.37
N ASN J 90 -27.36 28.09 46.58
CA ASN J 90 -26.20 27.24 46.87
C ASN J 90 -26.27 25.91 46.14
N GLU J 91 -27.47 25.44 45.82
CA GLU J 91 -27.61 24.17 45.10
C GLU J 91 -27.18 24.29 43.64
N ASP J 92 -27.15 25.51 43.09
CA ASP J 92 -26.73 25.71 41.71
C ASP J 92 -25.22 25.51 41.53
N THR J 93 -24.45 25.46 42.61
CA THR J 93 -23.02 25.27 42.52
C THR J 93 -22.70 23.91 41.91
N ALA J 94 -22.22 23.91 40.66
CA ALA J 94 -21.96 22.68 39.94
C ALA J 94 -21.14 23.02 38.69
N THR J 95 -20.72 21.98 37.99
CA THR J 95 -20.05 22.11 36.71
C THR J 95 -21.07 21.91 35.60
N TYR J 96 -21.12 22.85 34.66
CA TYR J 96 -22.13 22.85 33.61
C TYR J 96 -21.48 22.54 32.28
N PHE J 97 -22.05 21.59 31.54
CA PHE J 97 -21.50 21.12 30.28
C PHE J 97 -22.47 21.42 29.15
N CYS J 98 -21.94 21.92 28.04
CA CYS J 98 -22.67 21.96 26.77
C CYS J 98 -22.20 20.78 25.92
N ALA J 99 -23.14 20.08 25.29
CA ALA J 99 -22.82 18.87 24.57
C ALA J 99 -23.51 18.87 23.22
N LEU J 100 -22.73 18.61 22.16
CA LEU J 100 -23.28 18.43 20.82
C LEU J 100 -24.05 17.12 20.80
N GLY J 101 -25.27 17.16 21.34
CA GLY J 101 -26.04 15.95 21.50
C GLY J 101 -25.36 14.99 22.45
N TRP J 102 -25.31 13.73 22.07
CA TRP J 102 -24.61 12.71 22.83
C TRP J 102 -23.17 12.52 22.38
N LEU J 103 -22.74 13.20 21.30
CA LEU J 103 -21.45 12.90 20.67
C LEU J 103 -20.30 13.54 21.44
N HIS J 104 -20.23 14.86 21.43
CA HIS J 104 -19.08 15.59 21.96
C HIS J 104 -19.51 16.48 23.12
N TRP J 105 -18.74 16.46 24.20
CA TRP J 105 -19.01 17.28 25.37
C TRP J 105 -18.00 18.42 25.46
N GLY J 106 -18.46 19.54 26.02
CA GLY J 106 -17.58 20.67 26.25
C GLY J 106 -16.66 20.43 27.43
N LEU J 107 -15.67 21.31 27.56
CA LEU J 107 -14.68 21.16 28.63
C LEU J 107 -15.30 21.35 30.01
N GLY J 108 -16.37 22.11 30.10
CA GLY J 108 -17.06 22.31 31.36
C GLY J 108 -16.78 23.68 31.94
N THR J 109 -17.75 24.17 32.71
CA THR J 109 -17.67 25.48 33.36
C THR J 109 -18.12 25.32 34.80
N THR J 110 -17.23 25.60 35.75
CA THR J 110 -17.53 25.44 37.16
C THR J 110 -18.14 26.72 37.70
N LEU J 111 -19.35 26.60 38.26
CA LEU J 111 -20.05 27.72 38.89
C LEU J 111 -20.07 27.51 40.39
N THR J 112 -19.68 28.53 41.14
CA THR J 112 -19.63 28.47 42.60
C THR J 112 -20.44 29.62 43.18
N VAL J 113 -21.45 29.29 43.97
CA VAL J 113 -22.31 30.29 44.61
C VAL J 113 -22.08 30.21 46.10
N SER J 114 -21.47 31.26 46.67
CA SER J 114 -21.17 31.29 48.09
C SER J 114 -20.94 32.74 48.50
N SER J 115 -20.86 32.96 49.82
CA SER J 115 -20.61 34.28 50.36
C SER J 115 -20.08 34.20 51.79
N ASP K 1 -41.72 9.41 30.87
CA ASP K 1 -40.27 9.54 30.82
C ASP K 1 -39.61 8.17 30.93
N ILE K 2 -38.40 8.06 30.38
CA ILE K 2 -37.63 6.83 30.40
C ILE K 2 -36.64 6.88 31.55
N GLN K 3 -36.68 5.87 32.42
CA GLN K 3 -35.77 5.78 33.55
C GLN K 3 -34.59 4.89 33.20
N LEU K 4 -33.46 5.16 33.85
CA LEU K 4 -32.24 4.36 33.68
C LEU K 4 -31.77 3.88 35.05
N THR K 5 -31.81 2.57 35.26
CA THR K 5 -31.34 1.94 36.49
C THR K 5 -30.05 1.19 36.19
N GLN K 6 -28.93 1.73 36.66
CA GLN K 6 -27.62 1.14 36.42
C GLN K 6 -27.34 0.04 37.45
N SER K 7 -26.33 -0.78 37.18
CA SER K 7 -26.05 -1.90 38.07
C SER K 7 -25.18 -1.40 39.24
N PRO K 8 -23.88 -1.72 39.37
CA PRO K 8 -23.24 -1.48 40.68
C PRO K 8 -22.80 -0.03 40.81
N SER K 9 -23.27 0.62 41.87
CA SER K 9 -22.88 2.01 42.11
C SER K 9 -21.40 2.14 42.43
N SER K 10 -20.79 1.10 43.00
CA SER K 10 -19.36 1.09 43.24
C SER K 10 -18.82 -0.30 42.90
N LEU K 11 -17.53 -0.37 42.61
CA LEU K 11 -16.90 -1.63 42.23
C LEU K 11 -15.40 -1.53 42.48
N ALA K 12 -14.87 -2.51 43.21
CA ALA K 12 -13.44 -2.58 43.49
C ALA K 12 -12.75 -3.41 42.41
N MET K 13 -11.63 -2.92 41.89
CA MET K 13 -10.94 -3.54 40.77
C MET K 13 -9.62 -4.16 41.22
N SER K 14 -9.28 -5.27 40.57
CA SER K 14 -7.97 -5.90 40.71
C SER K 14 -7.34 -5.93 39.33
N GLY K 15 -6.22 -5.22 39.17
CA GLY K 15 -5.56 -4.99 37.89
C GLY K 15 -5.48 -6.20 36.97
N GLY K 16 -6.20 -6.13 35.84
CA GLY K 16 -6.19 -7.16 34.83
C GLY K 16 -7.51 -7.91 34.71
N GLN K 17 -8.31 -7.96 35.77
CA GLN K 17 -9.54 -8.71 35.75
C GLN K 17 -10.59 -8.00 34.89
N LYS K 18 -11.65 -8.73 34.57
CA LYS K 18 -12.74 -8.22 33.76
C LYS K 18 -13.82 -7.62 34.63
N VAL K 19 -14.33 -6.45 34.22
CA VAL K 19 -15.35 -5.73 34.98
C VAL K 19 -16.57 -5.53 34.09
N THR K 20 -17.75 -5.78 34.63
CA THR K 20 -19.01 -5.67 33.89
C THR K 20 -19.98 -4.78 34.65
N MET K 21 -20.59 -3.84 33.95
CA MET K 21 -21.61 -2.96 34.50
C MET K 21 -22.80 -2.91 33.55
N ARG K 22 -24.01 -2.88 34.11
CA ARG K 22 -25.23 -2.98 33.34
C ARG K 22 -26.05 -1.70 33.47
N CYS K 23 -26.98 -1.51 32.52
CA CYS K 23 -27.85 -0.34 32.50
C CYS K 23 -29.21 -0.79 31.99
N LYS K 24 -30.24 -0.73 32.83
CA LYS K 24 -31.57 -1.21 32.51
C LYS K 24 -32.51 -0.03 32.38
N SER K 25 -33.20 0.05 31.24
CA SER K 25 -34.15 1.13 30.97
C SER K 25 -35.58 0.66 31.18
N SER K 26 -36.46 1.63 31.50
CA SER K 26 -37.86 1.29 31.72
C SER K 26 -38.58 0.99 30.43
N GLN K 27 -38.11 1.55 29.31
CA GLN K 27 -38.72 1.35 28.01
C GLN K 27 -37.65 1.05 26.97
N SER K 28 -38.06 0.43 25.88
CA SER K 28 -37.11 0.00 24.85
C SER K 28 -36.51 1.21 24.15
N LEU K 29 -35.19 1.15 23.92
CA LEU K 29 -34.47 2.22 23.24
C LEU K 29 -34.17 1.88 21.78
N LEU K 30 -34.77 0.81 21.25
CA LEU K 30 -34.51 0.39 19.88
C LEU K 30 -35.38 1.18 18.92
N ASN K 31 -34.74 1.91 18.01
CA ASN K 31 -35.44 2.69 17.00
C ASN K 31 -35.76 1.82 15.80
N SER K 32 -37.02 1.83 15.38
CA SER K 32 -37.46 0.97 14.28
C SER K 32 -37.08 1.52 12.91
N ARG K 33 -36.61 2.76 12.83
CA ARG K 33 -36.35 3.37 11.53
C ARG K 33 -34.97 2.99 10.99
N ASN K 34 -33.96 2.89 11.88
CA ASN K 34 -32.61 2.55 11.46
C ASN K 34 -32.03 1.38 12.25
N GLU K 35 -32.83 0.72 13.09
CA GLU K 35 -32.40 -0.47 13.83
C GLU K 35 -31.24 -0.18 14.77
N ARG K 36 -31.20 1.03 15.32
CA ARG K 36 -30.16 1.45 16.25
C ARG K 36 -30.74 1.63 17.64
N ASN K 37 -29.99 1.22 18.66
CA ASN K 37 -30.38 1.39 20.04
C ASN K 37 -29.80 2.71 20.57
N TYR K 38 -30.68 3.63 20.96
CA TYR K 38 -30.27 4.98 21.34
C TYR K 38 -29.78 4.99 22.79
N LEU K 39 -28.57 4.48 22.99
CA LEU K 39 -27.91 4.49 24.29
C LEU K 39 -26.43 4.75 24.11
N ALA K 40 -25.85 5.53 25.02
CA ALA K 40 -24.43 5.88 24.96
C ALA K 40 -23.80 5.70 26.33
N TRP K 41 -22.54 5.29 26.33
CA TRP K 41 -21.76 5.11 27.55
C TRP K 41 -20.61 6.10 27.56
N TYR K 42 -20.30 6.63 28.75
CA TYR K 42 -19.23 7.60 28.91
C TYR K 42 -18.34 7.25 30.09
N GLN K 43 -17.08 7.66 29.99
CA GLN K 43 -16.12 7.59 31.08
C GLN K 43 -15.75 9.01 31.49
N GLN K 44 -15.74 9.27 32.79
CA GLN K 44 -15.41 10.60 33.31
C GLN K 44 -14.39 10.45 34.44
N LYS K 45 -13.19 10.96 34.20
CA LYS K 45 -12.14 11.00 35.21
C LYS K 45 -12.30 12.23 36.10
N PRO K 46 -11.74 12.20 37.31
CA PRO K 46 -11.88 13.35 38.21
C PRO K 46 -11.36 14.63 37.59
N GLY K 47 -12.20 15.67 37.64
CA GLY K 47 -11.82 16.97 37.10
C GLY K 47 -11.84 17.08 35.60
N GLN K 48 -12.50 16.14 34.91
CA GLN K 48 -12.55 16.15 33.45
C GLN K 48 -13.99 16.01 32.98
N SER K 49 -14.19 16.30 31.69
CA SER K 49 -15.50 16.18 31.08
C SER K 49 -15.74 14.73 30.67
N PRO K 50 -17.01 14.32 30.58
CA PRO K 50 -17.31 12.95 30.14
C PRO K 50 -16.82 12.69 28.72
N LYS K 51 -16.19 11.54 28.53
CA LYS K 51 -15.67 11.12 27.23
C LYS K 51 -16.47 9.93 26.73
N LEU K 52 -16.87 9.98 25.47
CA LEU K 52 -17.73 8.94 24.89
C LEU K 52 -16.91 7.68 24.64
N LEU K 53 -17.29 6.58 25.30
CA LEU K 53 -16.66 5.28 25.07
C LEU K 53 -17.39 4.51 23.97
N VAL K 54 -18.67 4.22 24.20
CA VAL K 54 -19.48 3.44 23.27
C VAL K 54 -20.77 4.19 23.00
N TYR K 55 -21.12 4.32 21.72
CA TYR K 55 -22.40 4.89 21.31
C TYR K 55 -23.16 3.88 20.47
N PHE K 56 -24.47 4.11 20.35
CA PHE K 56 -25.39 3.17 19.70
C PHE K 56 -25.29 1.79 20.34
N ALA K 57 -25.26 1.77 21.68
CA ALA K 57 -25.34 0.57 22.51
C ALA K 57 -24.10 -0.33 22.42
N SER K 58 -23.55 -0.53 21.22
CA SER K 58 -22.50 -1.52 21.06
C SER K 58 -21.41 -1.13 20.05
N ILE K 59 -21.40 0.11 19.57
CA ILE K 59 -20.42 0.54 18.57
C ILE K 59 -19.38 1.40 19.27
N ARG K 60 -18.13 0.94 19.26
CA ARG K 60 -17.06 1.61 19.98
C ARG K 60 -16.62 2.87 19.22
N GLU K 61 -16.46 3.97 19.95
CA GLU K 61 -16.04 5.22 19.35
C GLU K 61 -14.56 5.18 19.00
N SER K 62 -14.20 5.89 17.91
CA SER K 62 -12.82 5.95 17.48
C SER K 62 -11.92 6.51 18.56
N GLY K 63 -10.79 5.85 18.79
CA GLY K 63 -9.85 6.24 19.82
C GLY K 63 -10.00 5.49 21.13
N VAL K 64 -11.13 4.83 21.34
CA VAL K 64 -11.36 4.11 22.60
C VAL K 64 -10.63 2.77 22.53
N PRO K 65 -9.93 2.37 23.60
CA PRO K 65 -9.25 1.07 23.58
C PRO K 65 -10.22 -0.07 23.35
N ASP K 66 -9.73 -1.12 22.71
CA ASP K 66 -10.57 -2.25 22.33
C ASP K 66 -11.05 -3.09 23.50
N ARG K 67 -10.56 -2.81 24.72
CA ARG K 67 -11.01 -3.55 25.89
C ARG K 67 -12.40 -3.12 26.35
N PHE K 68 -12.88 -1.95 25.90
CA PHE K 68 -14.22 -1.49 26.22
C PHE K 68 -15.19 -2.06 25.18
N ILE K 69 -16.06 -2.97 25.60
CA ILE K 69 -16.98 -3.66 24.71
C ILE K 69 -18.40 -3.42 25.20
N GLY K 70 -19.22 -2.80 24.35
CA GLY K 70 -20.61 -2.57 24.64
C GLY K 70 -21.49 -3.60 23.95
N SER K 71 -22.63 -3.90 24.56
CA SER K 71 -23.55 -4.88 24.02
C SER K 71 -24.92 -4.67 24.65
N GLY K 72 -25.90 -5.41 24.14
CA GLY K 72 -27.26 -5.33 24.65
C GLY K 72 -28.20 -4.71 23.62
N SER K 73 -29.50 -4.91 23.87
CA SER K 73 -30.52 -4.38 22.98
C SER K 73 -31.83 -4.28 23.75
N GLY K 74 -32.71 -3.43 23.26
CA GLY K 74 -34.02 -3.25 23.88
C GLY K 74 -33.98 -2.44 25.16
N THR K 75 -34.00 -3.14 26.30
CA THR K 75 -34.00 -2.48 27.60
C THR K 75 -32.80 -2.83 28.47
N ASP K 76 -32.08 -3.92 28.19
CA ASP K 76 -30.96 -4.37 29.01
C ASP K 76 -29.67 -4.14 28.23
N PHE K 77 -28.78 -3.32 28.80
CA PHE K 77 -27.51 -3.00 28.19
C PHE K 77 -26.38 -3.18 29.20
N THR K 78 -25.22 -3.59 28.71
CA THR K 78 -24.07 -3.88 29.56
C THR K 78 -22.81 -3.25 28.97
N LEU K 79 -21.84 -3.01 29.85
CA LEU K 79 -20.51 -2.57 29.48
C LEU K 79 -19.50 -3.53 30.09
N THR K 80 -18.53 -3.96 29.29
CA THR K 80 -17.52 -4.92 29.70
C THR K 80 -16.13 -4.35 29.45
N ILE K 81 -15.26 -4.44 30.45
CA ILE K 81 -13.86 -4.07 30.32
C ILE K 81 -13.07 -5.37 30.45
N SER K 82 -12.56 -5.87 29.32
CA SER K 82 -11.94 -7.20 29.31
C SER K 82 -10.72 -7.26 30.21
N SER K 83 -9.85 -6.25 30.14
CA SER K 83 -8.64 -6.20 30.97
C SER K 83 -8.52 -4.79 31.54
N VAL K 84 -8.98 -4.63 32.79
CA VAL K 84 -9.00 -3.31 33.42
C VAL K 84 -7.58 -2.84 33.64
N GLN K 85 -7.30 -1.60 33.23
CA GLN K 85 -5.98 -1.00 33.37
C GLN K 85 -5.99 0.00 34.52
N ALA K 86 -4.82 0.59 34.77
CA ALA K 86 -4.70 1.59 35.83
C ALA K 86 -5.32 2.92 35.41
N GLU K 87 -5.37 3.20 34.11
CA GLU K 87 -5.95 4.43 33.60
C GLU K 87 -7.47 4.40 33.54
N ASP K 88 -8.09 3.26 33.86
CA ASP K 88 -9.54 3.13 33.83
C ASP K 88 -10.21 3.51 35.15
N LEU K 89 -9.44 3.99 36.12
CA LEU K 89 -10.00 4.43 37.41
C LEU K 89 -10.73 5.74 37.18
N ALA K 90 -12.05 5.67 36.99
CA ALA K 90 -12.85 6.84 36.69
C ALA K 90 -14.32 6.48 36.92
N ASP K 91 -15.20 7.45 36.66
CA ASP K 91 -16.63 7.25 36.75
C ASP K 91 -17.20 6.81 35.41
N TYR K 92 -18.18 5.93 35.44
CA TYR K 92 -18.82 5.41 34.24
C TYR K 92 -20.33 5.50 34.40
N PHE K 93 -21.02 5.85 33.33
CA PHE K 93 -22.47 6.02 33.36
C PHE K 93 -23.03 5.89 31.95
N CYS K 94 -24.29 5.46 31.88
CA CYS K 94 -25.00 5.28 30.62
C CYS K 94 -25.91 6.47 30.35
N LEU K 95 -26.20 6.69 29.07
CA LEU K 95 -27.08 7.77 28.64
C LEU K 95 -27.99 7.29 27.53
N GLN K 96 -29.30 7.48 27.71
CA GLN K 96 -30.27 7.21 26.68
C GLN K 96 -30.65 8.52 25.98
N HIS K 97 -30.74 8.47 24.65
CA HIS K 97 -31.11 9.63 23.84
C HIS K 97 -32.23 9.25 22.88
N TYR K 98 -33.13 8.39 23.32
CA TYR K 98 -34.24 7.96 22.46
C TYR K 98 -35.37 8.99 22.46
N ASN K 99 -35.78 9.44 23.63
CA ASN K 99 -36.84 10.42 23.77
C ASN K 99 -36.26 11.78 24.13
N THR K 100 -37.14 12.78 24.18
CA THR K 100 -36.69 14.13 24.51
C THR K 100 -36.11 14.24 25.92
N PRO K 101 -36.78 13.75 26.99
CA PRO K 101 -36.16 13.85 28.32
C PRO K 101 -35.01 12.87 28.49
N TRP K 102 -33.81 13.29 28.09
CA TRP K 102 -32.63 12.45 28.26
C TRP K 102 -32.38 12.19 29.74
N THR K 103 -32.03 10.95 30.07
CA THR K 103 -31.73 10.55 31.44
C THR K 103 -30.39 9.84 31.48
N PHE K 104 -29.71 9.96 32.62
CA PHE K 104 -28.41 9.36 32.82
C PHE K 104 -28.50 8.31 33.93
N GLY K 105 -27.55 7.38 33.91
CA GLY K 105 -27.45 6.41 34.97
C GLY K 105 -26.91 7.03 36.25
N GLY K 106 -27.04 6.27 37.34
CA GLY K 106 -26.58 6.75 38.63
C GLY K 106 -25.08 6.98 38.70
N GLY K 107 -24.32 6.28 37.88
CA GLY K 107 -22.87 6.41 37.90
C GLY K 107 -22.22 5.18 38.51
N THR K 108 -21.02 4.86 38.02
CA THR K 108 -20.24 3.71 38.49
C THR K 108 -18.82 4.18 38.78
N LYS K 109 -18.43 4.17 40.05
CA LYS K 109 -17.10 4.62 40.45
C LYS K 109 -16.16 3.42 40.52
N LEU K 110 -15.08 3.48 39.74
CA LEU K 110 -14.07 2.43 39.71
C LEU K 110 -12.89 2.85 40.58
N GLU K 111 -12.54 2.02 41.56
CA GLU K 111 -11.45 2.32 42.47
C GLU K 111 -10.76 1.02 42.89
N ILE K 112 -9.58 1.16 43.48
CA ILE K 112 -8.79 0.00 43.92
C ILE K 112 -9.36 -0.56 45.22
N LYS L 24 -25.34 -9.39 0.16
CA LYS L 24 -26.48 -8.77 0.85
C LYS L 24 -26.06 -8.15 2.17
N ASP L 25 -24.86 -7.55 2.19
CA ASP L 25 -24.34 -6.87 3.36
C ASP L 25 -24.01 -5.40 3.11
N GLN L 26 -23.80 -5.01 1.85
CA GLN L 26 -23.52 -3.63 1.48
C GLN L 26 -24.79 -2.94 1.00
N GLN L 27 -25.85 -3.07 1.80
CA GLN L 27 -27.20 -2.77 1.35
C GLN L 27 -27.79 -1.58 2.10
N SER L 28 -29.12 -1.48 2.04
CA SER L 28 -29.91 -0.52 2.79
C SER L 28 -29.57 0.93 2.40
N ALA L 29 -28.30 1.32 2.54
CA ALA L 29 -27.93 2.71 2.41
C ALA L 29 -28.32 3.27 1.04
N PHE L 30 -27.85 2.61 -0.02
CA PHE L 30 -27.88 3.23 -1.36
C PHE L 30 -29.29 3.60 -1.80
N TYR L 31 -30.32 2.94 -1.27
CA TYR L 31 -31.68 3.41 -1.47
C TYR L 31 -32.21 4.19 -0.26
N GLU L 32 -31.52 4.15 0.88
CA GLU L 32 -31.88 4.99 2.02
C GLU L 32 -31.39 6.42 1.90
N ILE L 33 -30.50 6.70 0.94
CA ILE L 33 -30.03 8.08 0.73
C ILE L 33 -31.12 8.85 0.00
N LEU L 34 -30.76 9.99 -0.58
CA LEU L 34 -31.68 10.90 -1.25
C LEU L 34 -32.72 11.45 -0.27
N ASN L 35 -33.93 10.88 -0.27
CA ASN L 35 -35.03 11.41 0.53
C ASN L 35 -34.92 10.87 1.96
N MET L 36 -34.13 11.57 2.76
CA MET L 36 -33.95 11.29 4.18
C MET L 36 -34.67 12.35 5.02
N PRO L 37 -34.91 12.07 6.32
CA PRO L 37 -35.56 13.06 7.18
C PRO L 37 -34.94 14.45 7.10
N ASN L 38 -33.75 14.63 7.69
CA ASN L 38 -33.14 15.96 7.73
C ASN L 38 -31.63 15.94 7.52
N LEU L 39 -31.08 14.91 6.86
CA LEU L 39 -29.65 14.89 6.63
C LEU L 39 -29.22 16.00 5.68
N ASN L 40 -28.09 16.63 5.99
CA ASN L 40 -27.61 17.76 5.19
C ASN L 40 -27.31 17.30 3.76
N GLU L 41 -27.84 18.04 2.79
CA GLU L 41 -27.72 17.63 1.38
C GLU L 41 -26.27 17.62 0.93
N ALA L 42 -25.49 18.64 1.33
CA ALA L 42 -24.07 18.64 0.99
C ALA L 42 -23.34 17.53 1.72
N GLN L 43 -23.87 17.08 2.86
CA GLN L 43 -23.37 15.92 3.59
C GLN L 43 -23.97 14.62 3.07
N ARG L 44 -25.22 14.65 2.59
CA ARG L 44 -25.82 13.47 1.95
C ARG L 44 -24.99 13.05 0.75
N ASN L 45 -24.75 13.97 -0.18
CA ASN L 45 -23.92 13.68 -1.35
C ASN L 45 -22.50 13.32 -0.94
N GLY L 46 -22.04 13.84 0.20
CA GLY L 46 -20.76 13.41 0.74
C GLY L 46 -20.75 11.96 1.16
N PHE L 47 -21.88 11.45 1.67
CA PHE L 47 -22.01 10.03 1.98
C PHE L 47 -22.20 9.20 0.72
N ILE L 48 -22.93 9.73 -0.26
CA ILE L 48 -23.03 9.07 -1.56
C ILE L 48 -21.65 8.99 -2.20
N GLN L 49 -20.84 10.05 -2.05
CA GLN L 49 -19.47 10.02 -2.53
C GLN L 49 -18.58 9.16 -1.66
N SER L 50 -18.84 9.09 -0.35
CA SER L 50 -18.08 8.18 0.50
C SER L 50 -18.47 6.72 0.31
N LEU L 51 -19.43 6.44 -0.57
CA LEU L 51 -19.83 5.08 -0.91
C LEU L 51 -19.77 4.84 -2.41
N LYS L 52 -20.45 5.66 -3.21
CA LYS L 52 -20.48 5.43 -4.65
C LYS L 52 -19.15 5.81 -5.31
N ASP L 53 -18.43 6.79 -4.74
CA ASP L 53 -17.10 7.11 -5.22
C ASP L 53 -16.01 6.30 -4.52
N ASP L 54 -16.14 6.12 -3.21
CA ASP L 54 -15.21 5.30 -2.42
C ASP L 54 -15.95 4.08 -1.91
N PRO L 55 -15.84 2.93 -2.58
CA PRO L 55 -16.68 1.77 -2.23
C PRO L 55 -16.20 1.00 -1.00
N SER L 56 -15.36 1.62 -0.17
CA SER L 56 -14.80 0.97 1.00
C SER L 56 -15.62 1.32 2.24
N GLN L 57 -15.84 0.32 3.08
CA GLN L 57 -16.51 0.47 4.38
C GLN L 57 -17.91 1.06 4.25
N SER L 58 -18.89 0.22 3.94
CA SER L 58 -20.27 0.71 3.80
C SER L 58 -20.92 0.96 5.14
N THR L 59 -20.66 0.09 6.12
CA THR L 59 -21.20 0.30 7.46
C THR L 59 -20.72 1.62 8.04
N ASN L 60 -19.49 2.04 7.69
CA ASN L 60 -18.95 3.29 8.23
C ASN L 60 -19.74 4.49 7.70
N VAL L 61 -20.16 4.43 6.44
CA VAL L 61 -20.92 5.55 5.88
C VAL L 61 -22.29 5.66 6.53
N LEU L 62 -22.98 4.53 6.68
CA LEU L 62 -24.24 4.53 7.40
C LEU L 62 -24.04 4.71 8.91
N LEU L 63 -22.87 4.36 9.43
CA LEU L 63 -22.55 4.66 10.82
C LEU L 63 -22.55 6.16 11.05
N GLU L 64 -21.79 6.90 10.22
CA GLU L 64 -21.79 8.36 10.33
C GLU L 64 -23.14 8.95 9.94
N ALA L 65 -23.90 8.27 9.07
CA ALA L 65 -25.22 8.76 8.70
C ALA L 65 -26.15 8.78 9.90
N ASP L 66 -26.26 7.64 10.60
CA ASP L 66 -27.09 7.61 11.80
C ASP L 66 -26.44 8.41 12.94
N LYS L 67 -25.10 8.46 12.96
CA LYS L 67 -24.41 9.21 14.00
C LYS L 67 -24.77 10.69 13.97
N TRP L 68 -24.84 11.27 12.77
CA TRP L 68 -25.22 12.67 12.62
C TRP L 68 -26.73 12.87 12.57
N ALA L 69 -27.49 11.86 12.12
CA ALA L 69 -28.93 12.01 12.05
C ALA L 69 -29.55 12.08 13.44
N SER L 70 -28.99 11.34 14.40
CA SER L 70 -29.52 11.35 15.76
C SER L 70 -29.21 12.65 16.49
N LEU L 71 -28.24 13.43 16.00
CA LEU L 71 -27.86 14.68 16.63
C LEU L 71 -28.62 15.88 16.07
N GLN L 72 -29.40 15.69 15.02
CA GLN L 72 -30.02 16.81 14.32
C GLN L 72 -31.16 17.40 15.14
N ASN L 73 -31.60 18.59 14.74
CA ASN L 73 -32.66 19.31 15.42
C ASN L 73 -33.99 18.58 15.30
#